data_6B7G
#
_entry.id   6B7G
#
loop_
_entity.id
_entity.type
_entity.pdbx_description
1 polymer 'Protein AF-9'
2 polymer 'BCL-6 corepressor'
#
loop_
_entity_poly.entity_id
_entity_poly.type
_entity_poly.pdbx_seq_one_letter_code
_entity_poly.pdbx_strand_id
1 'polypeptide(L)' MDKAYLDELVELHRRLMTLRERHILQQIVNLIEETGHFHITNTTFDFDLCSLDKTTVRKLQSYLETSGTS A
2 'polypeptide(L)' TTNSSSNHLEDPHYSELTNLKVCIELTGLHPKK B
#
# COMPACT_ATOMS: atom_id res chain seq x y z
N MET A 1 4.67 -6.21 -17.78
CA MET A 1 3.88 -5.86 -19.00
C MET A 1 2.64 -6.76 -19.06
N ASP A 2 1.68 -6.48 -18.17
CA ASP A 2 0.45 -7.27 -18.12
C ASP A 2 -0.71 -6.42 -17.62
N LYS A 3 -1.36 -5.72 -18.54
CA LYS A 3 -2.48 -4.86 -18.19
C LYS A 3 -3.46 -5.60 -17.29
N ALA A 4 -3.57 -6.91 -17.49
CA ALA A 4 -4.48 -7.72 -16.69
C ALA A 4 -4.15 -7.60 -15.21
N TYR A 5 -2.86 -7.71 -14.89
CA TYR A 5 -2.40 -7.61 -13.52
C TYR A 5 -2.79 -6.28 -12.91
N LEU A 6 -2.25 -5.22 -13.49
CA LEU A 6 -2.54 -3.87 -13.02
C LEU A 6 -4.04 -3.67 -12.92
N ASP A 7 -4.76 -4.14 -13.93
CA ASP A 7 -6.21 -4.03 -13.96
C ASP A 7 -6.79 -4.81 -12.79
N GLU A 8 -6.00 -5.72 -12.24
CA GLU A 8 -6.42 -6.55 -11.12
C GLU A 8 -6.30 -5.79 -9.81
N LEU A 9 -5.21 -5.03 -9.64
CA LEU A 9 -5.00 -4.27 -8.43
C LEU A 9 -5.90 -3.04 -8.40
N VAL A 10 -6.43 -2.70 -9.57
CA VAL A 10 -7.30 -1.53 -9.71
C VAL A 10 -8.48 -1.58 -8.75
N GLU A 11 -8.91 -2.77 -8.36
CA GLU A 11 -10.05 -2.90 -7.47
C GLU A 11 -9.68 -2.52 -6.04
N LEU A 12 -8.79 -3.30 -5.45
CA LEU A 12 -8.36 -3.03 -4.08
C LEU A 12 -7.91 -1.58 -3.95
N HIS A 13 -6.97 -1.20 -4.80
CA HIS A 13 -6.43 0.15 -4.84
C HIS A 13 -7.54 1.20 -4.69
N ARG A 14 -8.62 1.00 -5.41
CA ARG A 14 -9.75 1.92 -5.35
C ARG A 14 -10.58 1.69 -4.10
N ARG A 15 -11.10 0.47 -3.96
CA ARG A 15 -11.92 0.12 -2.81
C ARG A 15 -11.20 0.46 -1.50
N LEU A 16 -9.88 0.55 -1.55
CA LEU A 16 -9.10 0.86 -0.36
C LEU A 16 -9.60 2.15 0.28
N MET A 17 -10.34 2.95 -0.48
CA MET A 17 -10.88 4.20 0.03
C MET A 17 -12.15 3.96 0.83
N THR A 18 -12.82 2.84 0.55
CA THR A 18 -14.04 2.50 1.24
C THR A 18 -13.72 1.74 2.53
N LEU A 19 -12.57 1.09 2.56
CA LEU A 19 -12.17 0.34 3.74
C LEU A 19 -11.66 1.29 4.82
N ARG A 20 -12.19 1.13 6.04
CA ARG A 20 -11.81 1.99 7.16
C ARG A 20 -11.54 1.15 8.41
N GLU A 21 -11.69 -0.17 8.30
CA GLU A 21 -11.45 -1.04 9.43
C GLU A 21 -10.04 -0.83 9.97
N ARG A 22 -9.93 -0.06 11.04
CA ARG A 22 -8.62 0.23 11.64
C ARG A 22 -7.88 -1.07 11.98
N HIS A 23 -8.58 -2.19 11.91
CA HIS A 23 -7.97 -3.47 12.23
C HIS A 23 -7.22 -4.05 11.01
N ILE A 24 -7.94 -4.25 9.92
CA ILE A 24 -7.36 -4.81 8.71
C ILE A 24 -6.27 -3.89 8.14
N LEU A 25 -6.60 -2.61 7.93
CA LEU A 25 -5.63 -1.66 7.39
C LEU A 25 -4.34 -1.67 8.20
N GLN A 26 -4.44 -1.41 9.50
CA GLN A 26 -3.25 -1.38 10.36
C GLN A 26 -2.46 -2.68 10.25
N GLN A 27 -3.16 -3.79 9.98
CA GLN A 27 -2.48 -5.08 9.87
C GLN A 27 -1.75 -5.22 8.54
N ILE A 28 -2.27 -4.59 7.48
CA ILE A 28 -1.62 -4.67 6.18
C ILE A 28 -0.41 -3.75 6.15
N VAL A 29 -0.56 -2.55 6.70
CA VAL A 29 0.52 -1.58 6.73
C VAL A 29 1.77 -2.19 7.36
N ASN A 30 1.57 -3.18 8.23
CA ASN A 30 2.68 -3.84 8.90
C ASN A 30 3.44 -4.75 7.93
N LEU A 31 2.78 -5.12 6.83
CA LEU A 31 3.41 -5.99 5.85
C LEU A 31 4.44 -5.23 5.02
N ILE A 32 4.00 -4.15 4.38
CA ILE A 32 4.90 -3.33 3.56
C ILE A 32 6.12 -2.90 4.37
N GLU A 33 6.02 -3.03 5.69
CA GLU A 33 7.11 -2.64 6.57
C GLU A 33 8.26 -3.64 6.49
N GLU A 34 7.95 -4.85 6.01
CA GLU A 34 8.95 -5.89 5.90
C GLU A 34 9.68 -5.83 4.55
N THR A 35 8.92 -5.74 3.47
CA THR A 35 9.52 -5.69 2.14
C THR A 35 10.53 -4.55 2.05
N GLY A 36 10.29 -3.49 2.80
CA GLY A 36 11.19 -2.33 2.79
C GLY A 36 11.11 -1.58 1.48
N HIS A 37 9.97 -0.92 1.27
CA HIS A 37 9.76 -0.16 0.04
C HIS A 37 8.55 0.77 0.17
N PHE A 38 8.76 1.95 0.72
CA PHE A 38 7.68 2.91 0.90
C PHE A 38 8.23 4.29 1.23
N HIS A 39 7.34 5.22 1.58
CA HIS A 39 7.73 6.57 1.91
C HIS A 39 6.78 7.14 2.95
N ILE A 40 7.34 7.53 4.09
CA ILE A 40 6.56 8.08 5.17
C ILE A 40 6.47 9.60 5.05
N THR A 41 5.26 10.14 5.15
CA THR A 41 5.06 11.58 5.04
C THR A 41 3.80 12.01 5.80
N ASN A 42 3.90 13.15 6.47
CA ASN A 42 2.77 13.68 7.24
C ASN A 42 2.12 12.58 8.08
N THR A 43 0.90 12.19 7.70
CA THR A 43 0.17 11.16 8.44
C THR A 43 -0.52 10.20 7.47
N THR A 44 0.18 9.84 6.40
CA THR A 44 -0.35 8.93 5.40
C THR A 44 0.73 8.00 4.87
N PHE A 45 0.38 6.73 4.70
CA PHE A 45 1.32 5.75 4.21
C PHE A 45 1.21 5.69 2.69
N ASP A 46 2.17 6.32 2.01
CA ASP A 46 2.18 6.35 0.55
C ASP A 46 3.16 5.34 -0.02
N PHE A 47 2.65 4.43 -0.83
CA PHE A 47 3.50 3.42 -1.45
C PHE A 47 2.92 3.01 -2.80
N ASP A 48 3.80 2.57 -3.70
CA ASP A 48 3.40 2.17 -5.05
C ASP A 48 3.27 0.66 -5.19
N LEU A 49 2.21 0.24 -5.87
CA LEU A 49 1.97 -1.18 -6.09
C LEU A 49 2.83 -1.69 -7.26
N CYS A 50 2.85 -0.93 -8.35
CA CYS A 50 3.62 -1.33 -9.53
C CYS A 50 5.10 -1.44 -9.18
N SER A 51 5.49 -0.87 -8.04
CA SER A 51 6.89 -0.91 -7.62
C SER A 51 7.25 -2.26 -7.03
N LEU A 52 6.29 -2.91 -6.38
CA LEU A 52 6.54 -4.21 -5.78
C LEU A 52 6.30 -5.34 -6.78
N ASP A 53 6.92 -6.49 -6.51
CA ASP A 53 6.78 -7.64 -7.40
C ASP A 53 5.41 -8.29 -7.21
N LYS A 54 5.24 -9.47 -7.81
CA LYS A 54 3.98 -10.18 -7.70
C LYS A 54 3.88 -10.93 -6.37
N THR A 55 4.96 -11.61 -6.01
CA THR A 55 5.00 -12.37 -4.76
C THR A 55 4.40 -11.58 -3.61
N THR A 56 4.47 -10.25 -3.71
CA THR A 56 3.92 -9.39 -2.67
C THR A 56 2.44 -9.10 -2.92
N VAL A 57 2.07 -9.02 -4.20
CA VAL A 57 0.68 -8.75 -4.56
C VAL A 57 -0.24 -9.86 -4.06
N ARG A 58 0.21 -11.10 -4.21
CA ARG A 58 -0.57 -12.25 -3.76
C ARG A 58 -0.62 -12.29 -2.24
N LYS A 59 0.35 -11.65 -1.59
CA LYS A 59 0.42 -11.63 -0.14
C LYS A 59 -0.50 -10.54 0.42
N LEU A 60 -0.30 -9.31 -0.04
CA LEU A 60 -1.13 -8.20 0.41
C LEU A 60 -2.58 -8.52 0.15
N GLN A 61 -2.81 -9.37 -0.85
CA GLN A 61 -4.18 -9.76 -1.19
C GLN A 61 -4.78 -10.60 -0.07
N SER A 62 -3.91 -11.15 0.77
CA SER A 62 -4.34 -11.98 1.89
C SER A 62 -5.53 -11.36 2.62
N TYR A 63 -5.39 -10.11 3.04
CA TYR A 63 -6.48 -9.44 3.76
C TYR A 63 -7.71 -9.28 2.88
N LEU A 64 -7.49 -9.20 1.57
CA LEU A 64 -8.59 -9.03 0.63
C LEU A 64 -9.10 -10.38 0.14
N GLU A 65 -8.37 -11.44 0.49
CA GLU A 65 -8.75 -12.78 0.08
C GLU A 65 -9.66 -13.43 1.13
N THR A 66 -9.83 -12.74 2.26
CA THR A 66 -10.67 -13.25 3.33
C THR A 66 -10.93 -12.16 4.36
N SER A 67 -12.05 -11.46 4.21
CA SER A 67 -12.41 -10.40 5.14
C SER A 67 -13.23 -10.95 6.29
N GLY A 68 -14.42 -10.41 6.49
CA GLY A 68 -15.29 -10.85 7.58
C GLY A 68 -14.61 -10.69 8.93
N THR A 69 -14.18 -9.48 9.23
CA THR A 69 -13.51 -9.21 10.49
C THR A 69 -12.39 -10.21 10.74
N SER A 70 -11.72 -10.63 9.65
CA SER A 70 -10.63 -11.58 9.76
C SER A 70 -11.13 -12.92 10.32
N THR B 1 16.54 -4.37 10.95
CA THR B 1 17.06 -4.29 9.56
C THR B 1 17.68 -2.92 9.33
N THR B 2 18.46 -2.79 8.27
CA THR B 2 19.11 -1.53 7.95
C THR B 2 19.54 -1.50 6.48
N ASN B 3 19.50 -2.66 5.83
CA ASN B 3 19.88 -2.75 4.44
C ASN B 3 19.22 -3.96 3.77
N SER B 4 18.55 -3.72 2.65
CA SER B 4 17.88 -4.80 1.93
C SER B 4 17.65 -4.41 0.47
N SER B 5 16.86 -3.37 0.25
CA SER B 5 16.58 -2.90 -1.10
C SER B 5 15.96 -4.03 -1.94
N SER B 6 15.51 -3.69 -3.14
CA SER B 6 14.90 -4.67 -4.02
C SER B 6 14.50 -4.04 -5.34
N ASN B 7 14.73 -2.73 -5.45
CA ASN B 7 14.39 -2.00 -6.68
C ASN B 7 15.08 -0.65 -6.71
N HIS B 8 15.74 -0.34 -7.81
CA HIS B 8 16.43 0.93 -7.95
C HIS B 8 16.91 1.14 -9.39
N LEU B 9 16.69 2.33 -9.92
CA LEU B 9 17.09 2.64 -11.29
C LEU B 9 16.26 1.84 -12.29
N GLU B 10 15.67 2.55 -13.25
CA GLU B 10 14.83 1.90 -14.26
C GLU B 10 14.91 2.66 -15.58
N ASP B 11 14.81 1.92 -16.68
CA ASP B 11 14.88 2.53 -18.00
C ASP B 11 13.95 3.75 -18.08
N PRO B 12 14.22 4.69 -18.96
CA PRO B 12 13.36 5.91 -19.09
C PRO B 12 11.95 5.58 -19.55
N HIS B 13 11.02 5.54 -18.59
CA HIS B 13 9.63 5.24 -18.89
C HIS B 13 8.72 5.62 -17.74
N TYR B 14 7.62 4.91 -17.60
CA TYR B 14 6.67 5.18 -16.51
C TYR B 14 6.29 6.66 -16.51
N SER B 15 5.47 7.05 -15.54
CA SER B 15 5.04 8.44 -15.43
C SER B 15 4.54 8.73 -14.01
N GLU B 16 4.27 10.01 -13.73
CA GLU B 16 3.79 10.40 -12.42
C GLU B 16 2.35 9.95 -12.23
N LEU B 17 1.50 10.25 -13.20
CA LEU B 17 0.09 9.88 -13.13
C LEU B 17 -0.10 8.43 -13.57
N THR B 18 -1.23 7.85 -13.19
CA THR B 18 -1.53 6.46 -13.54
C THR B 18 -0.32 5.56 -13.26
N ASN B 19 -0.30 4.97 -12.07
CA ASN B 19 0.80 4.09 -11.69
C ASN B 19 0.38 3.28 -10.47
N LEU B 20 -0.93 3.23 -10.25
CA LEU B 20 -1.50 2.51 -9.13
C LEU B 20 -0.70 2.79 -7.85
N LYS B 21 -1.17 3.80 -7.11
CA LYS B 21 -0.55 4.21 -5.86
C LYS B 21 -1.61 4.27 -4.76
N VAL B 22 -1.21 3.92 -3.54
CA VAL B 22 -2.13 3.92 -2.40
C VAL B 22 -1.78 5.01 -1.39
N CYS B 23 -2.78 5.40 -0.61
CA CYS B 23 -2.60 6.42 0.43
C CYS B 23 -3.55 6.13 1.59
N ILE B 24 -3.00 5.57 2.67
CA ILE B 24 -3.80 5.24 3.85
C ILE B 24 -3.66 6.32 4.92
N GLU B 25 -4.74 7.07 5.14
CA GLU B 25 -4.71 8.12 6.15
C GLU B 25 -4.64 7.52 7.56
N LEU B 26 -3.56 7.83 8.28
CA LEU B 26 -3.40 7.31 9.63
C LEU B 26 -4.22 8.13 10.62
N THR B 27 -4.99 9.07 10.09
CA THR B 27 -5.83 9.93 10.93
C THR B 27 -7.00 9.14 11.49
N GLY B 28 -7.39 8.08 10.78
CA GLY B 28 -8.50 7.25 11.22
C GLY B 28 -8.07 6.28 12.32
N LEU B 29 -7.11 5.42 11.99
CA LEU B 29 -6.60 4.45 12.95
C LEU B 29 -5.57 5.08 13.87
N HIS B 30 -6.01 5.40 15.09
CA HIS B 30 -5.14 6.01 16.08
C HIS B 30 -5.46 5.48 17.48
N PRO B 31 -5.53 4.19 17.64
CA PRO B 31 -5.84 3.56 18.97
C PRO B 31 -4.79 3.91 20.02
N LYS B 32 -5.25 4.44 21.14
CA LYS B 32 -4.35 4.82 22.22
C LYS B 32 -3.53 3.61 22.68
N LYS B 33 -2.25 3.60 22.30
CA LYS B 33 -1.37 2.50 22.67
C LYS B 33 -1.94 1.17 22.17
N MET A 1 2.88 -2.28 -17.60
CA MET A 1 2.40 -2.43 -19.01
C MET A 1 1.53 -3.67 -19.13
N ASP A 2 1.69 -4.59 -18.18
CA ASP A 2 0.91 -5.82 -18.18
C ASP A 2 -0.43 -5.60 -17.48
N LYS A 3 -1.29 -4.78 -18.10
CA LYS A 3 -2.60 -4.48 -17.54
C LYS A 3 -3.27 -5.72 -16.94
N ALA A 4 -2.88 -6.88 -17.47
CA ALA A 4 -3.43 -8.14 -17.00
C ALA A 4 -3.38 -8.20 -15.47
N TYR A 5 -2.19 -7.95 -14.95
CA TYR A 5 -1.96 -7.99 -13.51
C TYR A 5 -1.83 -6.57 -12.94
N LEU A 6 -1.44 -5.62 -13.79
CA LEU A 6 -1.31 -4.24 -13.34
C LEU A 6 -2.69 -3.68 -13.02
N ASP A 7 -3.65 -4.00 -13.88
CA ASP A 7 -5.03 -3.53 -13.70
C ASP A 7 -5.76 -4.37 -12.64
N GLU A 8 -5.22 -5.56 -12.35
CA GLU A 8 -5.85 -6.43 -11.36
C GLU A 8 -5.94 -5.75 -10.00
N LEU A 9 -5.04 -4.81 -9.75
CA LEU A 9 -5.03 -4.09 -8.48
C LEU A 9 -5.94 -2.87 -8.52
N VAL A 10 -6.27 -2.45 -9.73
CA VAL A 10 -7.13 -1.28 -9.92
C VAL A 10 -8.39 -1.34 -9.06
N GLU A 11 -8.82 -2.55 -8.73
CA GLU A 11 -10.03 -2.71 -7.93
C GLU A 11 -9.79 -2.32 -6.47
N LEU A 12 -8.92 -3.08 -5.81
CA LEU A 12 -8.61 -2.81 -4.41
C LEU A 12 -8.08 -1.39 -4.26
N HIS A 13 -7.12 -1.05 -5.10
CA HIS A 13 -6.50 0.28 -5.10
C HIS A 13 -7.57 1.36 -4.95
N ARG A 14 -8.66 1.20 -5.68
CA ARG A 14 -9.76 2.18 -5.61
C ARG A 14 -10.59 1.96 -4.36
N ARG A 15 -11.16 0.76 -4.23
CA ARG A 15 -11.99 0.44 -3.08
C ARG A 15 -11.26 0.72 -1.77
N LEU A 16 -9.94 0.77 -1.83
CA LEU A 16 -9.14 1.03 -0.62
C LEU A 16 -9.61 2.32 0.05
N MET A 17 -10.31 3.15 -0.70
CA MET A 17 -10.81 4.41 -0.16
C MET A 17 -12.06 4.18 0.69
N THR A 18 -12.74 3.06 0.45
CA THR A 18 -13.94 2.73 1.20
C THR A 18 -13.56 1.94 2.45
N LEU A 19 -12.47 1.19 2.37
CA LEU A 19 -12.02 0.39 3.51
C LEU A 19 -11.47 1.30 4.60
N ARG A 20 -11.81 1.00 5.85
CA ARG A 20 -11.35 1.81 6.97
C ARG A 20 -11.20 0.97 8.24
N GLU A 21 -11.36 -0.34 8.12
CA GLU A 21 -11.23 -1.22 9.28
C GLU A 21 -9.85 -1.05 9.91
N ARG A 22 -9.78 -0.29 10.98
CA ARG A 22 -8.51 -0.05 11.65
C ARG A 22 -7.89 -1.36 12.14
N HIS A 23 -8.67 -2.43 12.08
CA HIS A 23 -8.17 -3.74 12.52
C HIS A 23 -7.34 -4.41 11.43
N ILE A 24 -7.95 -4.58 10.25
CA ILE A 24 -7.28 -5.22 9.13
C ILE A 24 -6.12 -4.36 8.63
N LEU A 25 -6.42 -3.14 8.19
CA LEU A 25 -5.40 -2.24 7.65
C LEU A 25 -4.16 -2.23 8.55
N GLN A 26 -4.38 -2.07 9.85
CA GLN A 26 -3.26 -2.03 10.80
C GLN A 26 -2.27 -3.15 10.52
N GLN A 27 -2.78 -4.28 10.04
CA GLN A 27 -1.92 -5.43 9.74
C GLN A 27 -1.27 -5.27 8.37
N ILE A 28 -2.08 -5.11 7.33
CA ILE A 28 -1.55 -4.96 5.98
C ILE A 28 -0.44 -3.90 5.97
N VAL A 29 -0.77 -2.71 6.48
CA VAL A 29 0.20 -1.63 6.53
C VAL A 29 1.51 -2.11 7.14
N ASN A 30 1.41 -2.84 8.24
CA ASN A 30 2.60 -3.36 8.91
C ASN A 30 3.36 -4.30 8.00
N LEU A 31 2.69 -4.83 6.98
CA LEU A 31 3.33 -5.75 6.05
C LEU A 31 4.32 -5.00 5.16
N ILE A 32 3.82 -4.04 4.38
CA ILE A 32 4.67 -3.26 3.49
C ILE A 32 5.86 -2.68 4.26
N GLU A 33 5.75 -2.66 5.59
CA GLU A 33 6.82 -2.13 6.41
C GLU A 33 8.06 -3.01 6.34
N GLU A 34 7.86 -4.29 6.05
CA GLU A 34 8.95 -5.24 5.97
C GLU A 34 9.52 -5.30 4.55
N THR A 35 8.67 -5.05 3.56
CA THR A 35 9.11 -5.09 2.17
C THR A 35 10.30 -4.16 1.95
N GLY A 36 10.15 -2.91 2.38
CA GLY A 36 11.23 -1.93 2.23
C GLY A 36 11.12 -1.20 0.90
N HIS A 37 9.98 -0.56 0.67
CA HIS A 37 9.77 0.19 -0.56
C HIS A 37 8.51 1.05 -0.45
N PHE A 38 8.66 2.24 0.13
CA PHE A 38 7.52 3.14 0.29
C PHE A 38 8.00 4.52 0.78
N HIS A 39 7.05 5.39 1.10
CA HIS A 39 7.36 6.74 1.57
C HIS A 39 6.34 7.20 2.59
N ILE A 40 6.81 7.54 3.78
CA ILE A 40 5.95 8.00 4.86
C ILE A 40 6.01 9.53 4.99
N THR A 41 4.88 10.12 5.34
CA THR A 41 4.80 11.57 5.50
C THR A 41 3.68 11.93 6.47
N ASN A 42 3.97 12.87 7.38
CA ASN A 42 2.99 13.31 8.36
C ASN A 42 2.28 12.11 9.00
N THR A 43 1.01 11.92 8.65
CA THR A 43 0.21 10.81 9.19
C THR A 43 -0.37 9.96 8.06
N THR A 44 0.42 9.83 6.99
CA THR A 44 0.01 9.04 5.84
C THR A 44 1.17 8.20 5.33
N PHE A 45 0.86 6.99 4.88
CA PHE A 45 1.87 6.08 4.37
C PHE A 45 1.46 5.67 2.96
N ASP A 46 2.13 6.26 1.96
CA ASP A 46 1.84 6.00 0.57
C ASP A 46 2.87 5.08 -0.04
N PHE A 47 2.47 4.38 -1.10
CA PHE A 47 3.38 3.48 -1.77
C PHE A 47 2.83 3.07 -3.14
N ASP A 48 3.70 2.53 -3.99
CA ASP A 48 3.32 2.12 -5.35
C ASP A 48 3.14 0.61 -5.44
N LEU A 49 2.05 0.20 -6.07
CA LEU A 49 1.76 -1.22 -6.24
C LEU A 49 2.56 -1.81 -7.40
N CYS A 50 2.89 -0.98 -8.39
CA CYS A 50 3.64 -1.45 -9.54
C CYS A 50 5.15 -1.42 -9.26
N SER A 51 5.51 -1.20 -8.00
CA SER A 51 6.92 -1.15 -7.61
C SER A 51 7.36 -2.45 -6.94
N LEU A 52 6.44 -3.09 -6.22
CA LEU A 52 6.77 -4.33 -5.53
C LEU A 52 6.57 -5.53 -6.44
N ASP A 53 7.05 -6.69 -6.01
CA ASP A 53 6.94 -7.91 -6.79
C ASP A 53 5.53 -8.50 -6.68
N LYS A 54 5.29 -9.59 -7.38
CA LYS A 54 3.98 -10.24 -7.35
C LYS A 54 3.83 -11.09 -6.10
N THR A 55 4.89 -11.80 -5.74
CA THR A 55 4.85 -12.66 -4.56
C THR A 55 4.24 -11.92 -3.37
N THR A 56 4.36 -10.61 -3.38
CA THR A 56 3.81 -9.79 -2.30
C THR A 56 2.35 -9.44 -2.58
N VAL A 57 2.02 -9.24 -3.86
CA VAL A 57 0.66 -8.89 -4.24
C VAL A 57 -0.31 -10.00 -3.81
N ARG A 58 0.12 -11.24 -3.95
CA ARG A 58 -0.71 -12.38 -3.57
C ARG A 58 -0.82 -12.48 -2.05
N LYS A 59 0.15 -11.90 -1.35
CA LYS A 59 0.16 -11.92 0.10
C LYS A 59 -0.72 -10.81 0.66
N LEU A 60 -0.47 -9.59 0.22
CA LEU A 60 -1.25 -8.45 0.67
C LEU A 60 -2.73 -8.70 0.38
N GLN A 61 -2.98 -9.54 -0.63
CA GLN A 61 -4.35 -9.87 -1.00
C GLN A 61 -5.00 -10.75 0.08
N SER A 62 -4.15 -11.37 0.90
CA SER A 62 -4.63 -12.23 1.96
C SER A 62 -5.80 -11.63 2.71
N TYR A 63 -5.66 -10.39 3.16
CA TYR A 63 -6.73 -9.72 3.91
C TYR A 63 -7.97 -9.51 3.05
N LEU A 64 -7.77 -9.15 1.80
CA LEU A 64 -8.89 -8.89 0.91
C LEU A 64 -9.37 -10.18 0.22
N GLU A 65 -8.77 -11.30 0.60
CA GLU A 65 -9.15 -12.59 0.03
C GLU A 65 -10.25 -13.24 0.85
N THR A 66 -10.58 -12.62 1.98
CA THR A 66 -11.62 -13.15 2.86
C THR A 66 -12.95 -13.24 2.13
N SER A 67 -13.19 -14.37 1.48
CA SER A 67 -14.44 -14.58 0.75
C SER A 67 -15.50 -15.16 1.66
N GLY A 68 -15.07 -15.86 2.70
CA GLY A 68 -16.00 -16.47 3.65
C GLY A 68 -17.01 -15.45 4.16
N THR A 69 -18.16 -15.37 3.49
CA THR A 69 -19.20 -14.44 3.88
C THR A 69 -18.65 -13.01 3.91
N SER A 70 -17.63 -12.76 3.10
CA SER A 70 -17.02 -11.43 3.05
C SER A 70 -16.46 -11.05 4.41
N THR B 1 14.93 7.52 7.06
CA THR B 1 16.31 7.16 6.62
C THR B 1 17.23 7.13 7.84
N THR B 2 17.84 5.98 8.08
CA THR B 2 18.75 5.83 9.22
C THR B 2 19.78 4.74 8.94
N ASN B 3 19.40 3.77 8.12
CA ASN B 3 20.29 2.67 7.78
C ASN B 3 21.56 3.20 7.10
N SER B 4 22.55 2.32 6.94
CA SER B 4 23.80 2.72 6.31
C SER B 4 23.53 3.30 4.92
N SER B 5 24.30 4.34 4.57
CA SER B 5 24.14 4.98 3.27
C SER B 5 22.67 5.28 3.00
N SER B 6 22.35 5.56 1.73
CA SER B 6 20.98 5.87 1.36
C SER B 6 20.76 5.59 -0.13
N ASN B 7 19.57 5.11 -0.46
CA ASN B 7 19.24 4.80 -1.84
C ASN B 7 20.06 3.62 -2.33
N HIS B 8 19.37 2.52 -2.64
CA HIS B 8 20.06 1.32 -3.12
C HIS B 8 19.05 0.34 -3.72
N LEU B 9 19.50 -0.41 -4.72
CA LEU B 9 18.64 -1.38 -5.39
C LEU B 9 17.40 -0.69 -5.95
N GLU B 10 17.37 -0.49 -7.27
CA GLU B 10 16.25 0.17 -7.91
C GLU B 10 16.17 1.63 -7.51
N ASP B 11 16.40 2.52 -8.48
CA ASP B 11 16.36 3.95 -8.22
C ASP B 11 14.91 4.45 -8.25
N PRO B 12 14.61 5.54 -7.58
CA PRO B 12 13.22 6.10 -7.55
C PRO B 12 12.75 6.54 -8.93
N HIS B 13 11.56 7.15 -8.97
CA HIS B 13 11.01 7.62 -10.24
C HIS B 13 9.95 8.69 -9.99
N TYR B 14 9.30 8.60 -8.83
CA TYR B 14 8.27 9.57 -8.48
C TYR B 14 7.28 9.75 -9.63
N SER B 15 6.38 8.77 -9.79
CA SER B 15 5.38 8.84 -10.85
C SER B 15 4.20 9.70 -10.41
N GLU B 16 3.17 9.74 -11.25
CA GLU B 16 1.99 10.53 -10.93
C GLU B 16 0.81 10.15 -11.83
N LEU B 17 1.03 10.23 -13.15
CA LEU B 17 -0.01 9.89 -14.11
C LEU B 17 -0.11 8.38 -14.30
N THR B 18 -1.18 7.78 -13.80
CA THR B 18 -1.39 6.34 -13.92
C THR B 18 -0.14 5.57 -13.50
N ASN B 19 -0.14 5.10 -12.26
CA ASN B 19 0.99 4.34 -11.74
C ASN B 19 0.56 3.54 -10.51
N LEU B 20 -0.76 3.45 -10.34
CA LEU B 20 -1.35 2.72 -9.23
C LEU B 20 -0.59 3.00 -7.93
N LYS B 21 -1.10 3.99 -7.19
CA LYS B 21 -0.52 4.40 -5.92
C LYS B 21 -1.61 4.44 -4.84
N VAL B 22 -1.22 4.08 -3.63
CA VAL B 22 -2.15 4.06 -2.49
C VAL B 22 -1.79 5.13 -1.48
N CYS B 23 -2.77 5.53 -0.68
CA CYS B 23 -2.56 6.54 0.34
C CYS B 23 -3.49 6.28 1.53
N ILE B 24 -2.94 5.73 2.61
CA ILE B 24 -3.73 5.43 3.81
C ILE B 24 -3.48 6.49 4.87
N GLU B 25 -4.54 7.12 5.35
CA GLU B 25 -4.41 8.15 6.37
C GLU B 25 -4.36 7.53 7.76
N LEU B 26 -3.20 7.56 8.38
CA LEU B 26 -3.03 7.00 9.71
C LEU B 26 -3.83 7.82 10.72
N THR B 27 -4.48 8.88 10.24
CA THR B 27 -5.26 9.74 11.13
C THR B 27 -6.25 8.91 11.94
N GLY B 28 -6.63 7.75 11.40
CA GLY B 28 -7.56 6.86 12.07
C GLY B 28 -6.83 5.87 12.98
N LEU B 29 -5.55 5.68 12.72
CA LEU B 29 -4.73 4.76 13.51
C LEU B 29 -3.92 5.53 14.54
N HIS B 30 -2.88 4.89 15.06
CA HIS B 30 -2.02 5.52 16.06
C HIS B 30 -0.81 4.64 16.38
N PRO B 31 -0.09 4.19 15.38
CA PRO B 31 1.11 3.34 15.58
C PRO B 31 2.19 4.03 16.42
N LYS B 32 3.03 3.24 17.07
CA LYS B 32 4.09 3.78 17.90
C LYS B 32 5.10 2.70 18.26
N LYS B 33 6.24 2.70 17.59
CA LYS B 33 7.28 1.72 17.85
C LYS B 33 8.11 2.12 19.07
N MET A 1 4.58 -6.40 -14.18
CA MET A 1 4.49 -5.12 -14.93
C MET A 1 3.58 -5.30 -16.14
N ASP A 2 2.68 -6.29 -16.06
CA ASP A 2 1.75 -6.57 -17.15
C ASP A 2 0.47 -5.75 -16.98
N LYS A 3 0.20 -4.89 -17.96
CA LYS A 3 -1.00 -4.06 -17.92
C LYS A 3 -2.22 -4.87 -17.51
N ALA A 4 -2.18 -6.16 -17.80
CA ALA A 4 -3.28 -7.05 -17.45
C ALA A 4 -3.42 -7.16 -15.94
N TYR A 5 -2.38 -7.71 -15.33
CA TYR A 5 -2.35 -7.88 -13.89
C TYR A 5 -2.29 -6.54 -13.17
N LEU A 6 -1.79 -5.52 -13.86
CA LEU A 6 -1.69 -4.19 -13.28
C LEU A 6 -3.07 -3.66 -12.91
N ASP A 7 -4.04 -3.93 -13.77
CA ASP A 7 -5.41 -3.47 -13.53
C ASP A 7 -6.06 -4.28 -12.41
N GLU A 8 -5.49 -5.44 -12.11
CA GLU A 8 -6.04 -6.30 -11.06
C GLU A 8 -5.98 -5.60 -9.69
N LEU A 9 -5.02 -4.70 -9.53
CA LEU A 9 -4.87 -3.99 -8.26
C LEU A 9 -5.73 -2.74 -8.25
N VAL A 10 -6.17 -2.32 -9.43
CA VAL A 10 -6.99 -1.12 -9.57
C VAL A 10 -8.10 -1.09 -8.52
N GLU A 11 -8.51 -2.27 -8.05
CA GLU A 11 -9.57 -2.34 -7.06
C GLU A 11 -9.07 -1.88 -5.69
N LEU A 12 -8.02 -2.52 -5.22
CA LEU A 12 -7.44 -2.18 -3.93
C LEU A 12 -6.94 -0.74 -3.92
N HIS A 13 -7.05 -0.08 -5.06
CA HIS A 13 -6.59 1.30 -5.19
C HIS A 13 -7.64 2.27 -4.67
N ARG A 14 -8.79 2.31 -5.33
CA ARG A 14 -9.87 3.20 -4.93
C ARG A 14 -10.64 2.63 -3.74
N ARG A 15 -11.19 1.44 -3.92
CA ARG A 15 -11.98 0.79 -2.87
C ARG A 15 -11.29 0.88 -1.51
N LEU A 16 -9.98 1.08 -1.51
CA LEU A 16 -9.24 1.17 -0.25
C LEU A 16 -9.76 2.32 0.60
N MET A 17 -10.47 3.25 -0.02
CA MET A 17 -11.03 4.40 0.69
C MET A 17 -12.37 4.04 1.31
N THR A 18 -13.02 3.02 0.76
CA THR A 18 -14.31 2.58 1.25
C THR A 18 -14.12 1.78 2.53
N LEU A 19 -12.89 1.31 2.75
CA LEU A 19 -12.57 0.55 3.95
C LEU A 19 -12.27 1.48 5.12
N ARG A 20 -12.72 1.09 6.32
CA ARG A 20 -12.49 1.89 7.52
C ARG A 20 -12.08 1.00 8.70
N GLU A 21 -11.88 -0.28 8.43
CA GLU A 21 -11.48 -1.21 9.49
C GLU A 21 -10.06 -0.92 9.95
N ARG A 22 -9.95 -0.22 11.07
CA ARG A 22 -8.64 0.12 11.62
C ARG A 22 -7.83 -1.13 11.92
N HIS A 23 -8.48 -2.29 11.87
CA HIS A 23 -7.80 -3.55 12.15
C HIS A 23 -7.08 -4.07 10.91
N ILE A 24 -7.83 -4.32 9.84
CA ILE A 24 -7.27 -4.85 8.61
C ILE A 24 -6.22 -3.88 8.03
N LEU A 25 -6.60 -2.63 7.81
CA LEU A 25 -5.67 -1.65 7.26
C LEU A 25 -4.36 -1.62 8.04
N GLN A 26 -4.45 -1.34 9.34
CA GLN A 26 -3.26 -1.28 10.18
C GLN A 26 -2.45 -2.57 10.08
N GLN A 27 -3.13 -3.69 9.87
CA GLN A 27 -2.44 -4.97 9.78
C GLN A 27 -1.72 -5.12 8.43
N ILE A 28 -2.27 -4.51 7.38
CA ILE A 28 -1.65 -4.59 6.07
C ILE A 28 -0.42 -3.69 6.02
N VAL A 29 -0.56 -2.48 6.55
CA VAL A 29 0.54 -1.51 6.57
C VAL A 29 1.83 -2.19 7.06
N ASN A 30 1.67 -3.26 7.83
CA ASN A 30 2.83 -3.99 8.35
C ASN A 30 3.59 -4.68 7.22
N LEU A 31 2.86 -5.38 6.36
CA LEU A 31 3.49 -6.08 5.24
C LEU A 31 4.45 -5.15 4.50
N ILE A 32 3.91 -4.07 3.96
CA ILE A 32 4.73 -3.10 3.23
C ILE A 32 5.90 -2.63 4.08
N GLU A 33 5.82 -2.88 5.38
CA GLU A 33 6.88 -2.47 6.30
C GLU A 33 8.01 -3.50 6.31
N GLU A 34 7.70 -4.72 5.88
CA GLU A 34 8.69 -5.79 5.87
C GLU A 34 9.45 -5.82 4.54
N THR A 35 8.73 -5.71 3.43
CA THR A 35 9.36 -5.74 2.12
C THR A 35 10.46 -4.68 2.03
N GLY A 36 10.16 -3.46 2.50
CA GLY A 36 11.14 -2.39 2.46
C GLY A 36 11.08 -1.63 1.14
N HIS A 37 9.95 -1.00 0.87
CA HIS A 37 9.79 -0.24 -0.37
C HIS A 37 8.53 0.62 -0.30
N PHE A 38 8.67 1.84 0.22
CA PHE A 38 7.54 2.74 0.36
C PHE A 38 8.01 4.14 0.76
N HIS A 39 7.05 5.01 1.06
CA HIS A 39 7.36 6.38 1.47
C HIS A 39 6.42 6.83 2.56
N ILE A 40 6.98 7.17 3.72
CA ILE A 40 6.18 7.59 4.85
C ILE A 40 5.98 9.11 4.81
N THR A 41 4.86 9.56 5.36
CA THR A 41 4.52 10.98 5.41
C THR A 41 4.18 11.40 6.83
N ASN A 42 3.74 12.64 6.99
CA ASN A 42 3.38 13.16 8.31
C ASN A 42 2.37 12.23 8.99
N THR A 43 1.20 12.07 8.35
CA THR A 43 0.15 11.22 8.89
C THR A 43 -0.49 10.39 7.78
N THR A 44 0.34 9.89 6.87
CA THR A 44 -0.16 9.08 5.77
C THR A 44 0.90 8.11 5.27
N PHE A 45 0.49 6.86 5.06
CA PHE A 45 1.39 5.83 4.58
C PHE A 45 1.12 5.61 3.10
N ASP A 46 2.00 6.17 2.26
CA ASP A 46 1.85 6.05 0.81
C ASP A 46 2.86 5.07 0.24
N PHE A 47 2.41 4.27 -0.71
CA PHE A 47 3.28 3.29 -1.35
C PHE A 47 2.80 3.01 -2.77
N ASP A 48 3.64 2.34 -3.55
CA ASP A 48 3.32 2.03 -4.95
C ASP A 48 3.10 0.54 -5.15
N LEU A 49 2.02 0.21 -5.85
CA LEU A 49 1.68 -1.18 -6.14
C LEU A 49 2.55 -1.73 -7.27
N CYS A 50 2.83 -0.87 -8.26
CA CYS A 50 3.64 -1.29 -9.40
C CYS A 50 5.12 -1.29 -9.06
N SER A 51 5.44 -1.03 -7.79
CA SER A 51 6.83 -0.99 -7.35
C SER A 51 7.28 -2.35 -6.81
N LEU A 52 6.34 -3.08 -6.22
CA LEU A 52 6.65 -4.39 -5.66
C LEU A 52 6.43 -5.49 -6.69
N ASP A 53 6.97 -6.68 -6.39
CA ASP A 53 6.82 -7.82 -7.30
C ASP A 53 5.50 -8.54 -7.06
N LYS A 54 5.37 -9.72 -7.64
CA LYS A 54 4.14 -10.50 -7.49
C LYS A 54 4.10 -11.20 -6.14
N THR A 55 5.25 -11.73 -5.72
CA THR A 55 5.34 -12.42 -4.43
C THR A 55 4.64 -11.61 -3.34
N THR A 56 4.61 -10.29 -3.51
CA THR A 56 3.97 -9.42 -2.53
C THR A 56 2.48 -9.27 -2.83
N VAL A 57 2.12 -9.35 -4.11
CA VAL A 57 0.73 -9.22 -4.51
C VAL A 57 -0.12 -10.33 -3.90
N ARG A 58 0.41 -11.55 -3.95
CA ARG A 58 -0.30 -12.70 -3.39
C ARG A 58 -0.38 -12.59 -1.87
N LYS A 59 0.52 -11.81 -1.29
CA LYS A 59 0.55 -11.63 0.15
C LYS A 59 -0.44 -10.54 0.56
N LEU A 60 -0.32 -9.38 -0.06
CA LEU A 60 -1.22 -8.28 0.23
C LEU A 60 -2.66 -8.72 -0.01
N GLN A 61 -2.81 -9.70 -0.88
CA GLN A 61 -4.14 -10.22 -1.20
C GLN A 61 -4.70 -10.98 0.00
N SER A 62 -3.81 -11.38 0.90
CA SER A 62 -4.20 -12.12 2.08
C SER A 62 -5.42 -11.49 2.76
N TYR A 63 -5.32 -10.21 3.09
CA TYR A 63 -6.43 -9.53 3.75
C TYR A 63 -7.67 -9.47 2.87
N LEU A 64 -7.49 -9.65 1.56
CA LEU A 64 -8.61 -9.61 0.63
C LEU A 64 -9.17 -11.01 0.43
N GLU A 65 -8.71 -11.96 1.24
CA GLU A 65 -9.17 -13.34 1.14
C GLU A 65 -10.66 -13.43 1.41
N THR A 66 -11.26 -12.30 1.78
CA THR A 66 -12.69 -12.26 2.07
C THR A 66 -13.50 -12.41 0.78
N SER A 67 -12.88 -12.07 -0.35
CA SER A 67 -13.56 -12.17 -1.64
C SER A 67 -13.37 -13.56 -2.24
N GLY A 68 -13.57 -13.67 -3.54
CA GLY A 68 -13.43 -14.95 -4.22
C GLY A 68 -14.51 -15.93 -3.79
N THR A 69 -15.77 -15.57 -4.04
CA THR A 69 -16.89 -16.41 -3.68
C THR A 69 -16.85 -16.74 -2.18
N SER A 70 -16.32 -15.80 -1.40
CA SER A 70 -16.23 -15.99 0.04
C SER A 70 -15.31 -17.17 0.37
N THR B 1 6.46 1.20 13.68
CA THR B 1 7.58 2.00 14.24
C THR B 1 7.88 3.17 13.30
N THR B 2 8.72 4.10 13.77
CA THR B 2 9.09 5.26 12.97
C THR B 2 10.29 4.95 12.10
N ASN B 3 10.03 4.55 10.86
CA ASN B 3 11.12 4.23 9.93
C ASN B 3 11.63 5.50 9.25
N SER B 4 12.84 5.90 9.61
CA SER B 4 13.44 7.10 9.04
C SER B 4 14.06 6.78 7.67
N SER B 5 13.65 5.66 7.09
CA SER B 5 14.16 5.26 5.78
C SER B 5 13.65 6.19 4.69
N SER B 6 14.58 6.81 3.97
CA SER B 6 14.21 7.73 2.89
C SER B 6 15.42 8.04 2.02
N ASN B 7 15.27 7.77 0.72
CA ASN B 7 16.36 8.02 -0.22
C ASN B 7 17.65 7.36 0.25
N HIS B 8 17.84 6.11 -0.14
CA HIS B 8 19.04 5.37 0.26
C HIS B 8 20.29 6.05 -0.28
N LEU B 9 20.25 6.41 -1.56
CA LEU B 9 21.38 7.08 -2.20
C LEU B 9 20.96 7.75 -3.49
N GLU B 10 19.69 7.57 -3.85
CA GLU B 10 19.15 8.17 -5.08
C GLU B 10 17.64 8.03 -5.12
N ASP B 11 16.97 9.06 -5.64
CA ASP B 11 15.52 9.05 -5.73
C ASP B 11 15.08 8.40 -7.05
N PRO B 12 13.88 7.86 -7.12
CA PRO B 12 13.37 7.21 -8.36
C PRO B 12 13.24 8.19 -9.52
N HIS B 13 13.32 7.67 -10.73
CA HIS B 13 13.21 8.50 -11.92
C HIS B 13 11.91 9.30 -11.91
N TYR B 14 11.77 10.21 -12.85
CA TYR B 14 10.56 11.02 -12.94
C TYR B 14 9.36 10.17 -13.33
N SER B 15 8.38 10.08 -12.43
CA SER B 15 7.18 9.29 -12.69
C SER B 15 6.22 9.37 -11.51
N GLU B 16 4.94 9.54 -11.80
CA GLU B 16 3.94 9.63 -10.75
C GLU B 16 2.53 9.45 -11.33
N LEU B 17 2.23 10.22 -12.37
CA LEU B 17 0.92 10.14 -13.01
C LEU B 17 0.65 8.72 -13.48
N THR B 18 -0.53 8.20 -13.16
CA THR B 18 -0.91 6.85 -13.55
C THR B 18 0.21 5.87 -13.24
N ASN B 19 0.15 5.24 -12.07
CA ASN B 19 1.15 4.28 -11.66
C ASN B 19 0.65 3.51 -10.45
N LEU B 20 -0.66 3.53 -10.27
CA LEU B 20 -1.29 2.85 -9.15
C LEU B 20 -0.52 3.11 -7.86
N LYS B 21 -0.96 4.15 -7.15
CA LYS B 21 -0.34 4.55 -5.88
C LYS B 21 -1.41 4.70 -4.81
N VAL B 22 -1.17 4.08 -3.65
CA VAL B 22 -2.11 4.12 -2.55
C VAL B 22 -1.75 5.21 -1.53
N CYS B 23 -2.75 5.61 -0.75
CA CYS B 23 -2.57 6.62 0.28
C CYS B 23 -3.51 6.33 1.46
N ILE B 24 -2.95 5.81 2.55
CA ILE B 24 -3.75 5.47 3.73
C ILE B 24 -3.73 6.62 4.73
N GLU B 25 -4.90 7.11 5.10
CA GLU B 25 -5.00 8.21 6.05
C GLU B 25 -4.82 7.69 7.48
N LEU B 26 -3.62 7.85 8.01
CA LEU B 26 -3.34 7.40 9.37
C LEU B 26 -4.12 8.25 10.36
N THR B 27 -4.77 9.29 9.85
CA THR B 27 -5.56 10.18 10.70
C THR B 27 -6.60 9.38 11.48
N GLY B 28 -7.01 8.24 10.91
CA GLY B 28 -8.00 7.39 11.56
C GLY B 28 -7.31 6.38 12.47
N LEU B 29 -6.05 6.09 12.18
CA LEU B 29 -5.29 5.14 12.98
C LEU B 29 -4.50 5.87 14.05
N HIS B 30 -3.48 5.20 14.58
CA HIS B 30 -2.64 5.79 15.62
C HIS B 30 -1.45 4.89 15.98
N PRO B 31 -0.70 4.45 14.98
CA PRO B 31 0.49 3.57 15.18
C PRO B 31 1.26 3.90 16.46
N LYS B 32 1.88 2.88 17.05
CA LYS B 32 2.65 3.06 18.27
C LYS B 32 4.09 3.46 17.94
N LYS B 33 4.61 4.44 18.66
CA LYS B 33 5.98 4.90 18.44
C LYS B 33 6.95 4.11 19.30
N MET A 1 5.51 -8.20 -20.73
CA MET A 1 4.41 -7.26 -20.36
C MET A 1 3.34 -8.01 -19.57
N ASP A 2 2.76 -7.32 -18.58
CA ASP A 2 1.74 -7.94 -17.74
C ASP A 2 0.75 -6.88 -17.25
N LYS A 3 0.31 -6.02 -18.15
CA LYS A 3 -0.63 -4.97 -17.80
C LYS A 3 -1.86 -5.55 -17.12
N ALA A 4 -2.23 -6.76 -17.50
CA ALA A 4 -3.40 -7.42 -16.91
C ALA A 4 -3.30 -7.42 -15.39
N TYR A 5 -2.09 -7.66 -14.89
CA TYR A 5 -1.84 -7.68 -13.46
C TYR A 5 -2.23 -6.36 -12.82
N LEU A 6 -1.53 -5.32 -13.21
CA LEU A 6 -1.79 -3.99 -12.70
C LEU A 6 -3.27 -3.69 -12.79
N ASP A 7 -3.84 -3.97 -13.95
CA ASP A 7 -5.25 -3.73 -14.19
C ASP A 7 -6.08 -4.56 -13.19
N GLU A 8 -5.45 -5.58 -12.63
CA GLU A 8 -6.12 -6.44 -11.66
C GLU A 8 -6.16 -5.77 -10.28
N LEU A 9 -5.12 -5.02 -9.95
CA LEU A 9 -5.05 -4.33 -8.67
C LEU A 9 -5.88 -3.05 -8.72
N VAL A 10 -6.22 -2.64 -9.93
CA VAL A 10 -7.01 -1.43 -10.13
C VAL A 10 -8.19 -1.38 -9.18
N GLU A 11 -8.65 -2.55 -8.73
CA GLU A 11 -9.78 -2.61 -7.81
C GLU A 11 -9.40 -2.07 -6.44
N LEU A 12 -8.42 -2.71 -5.81
CA LEU A 12 -7.94 -2.31 -4.48
C LEU A 12 -7.81 -0.80 -4.42
N HIS A 13 -7.18 -0.22 -5.44
CA HIS A 13 -6.97 1.22 -5.53
C HIS A 13 -8.24 1.98 -5.10
N ARG A 14 -9.34 1.69 -5.77
CA ARG A 14 -10.62 2.34 -5.47
C ARG A 14 -11.27 1.73 -4.22
N ARG A 15 -11.45 0.42 -4.24
CA ARG A 15 -12.09 -0.27 -3.12
C ARG A 15 -11.50 0.18 -1.77
N LEU A 16 -10.20 0.45 -1.75
CA LEU A 16 -9.54 0.87 -0.51
C LEU A 16 -10.27 2.06 0.11
N MET A 17 -11.08 2.73 -0.68
CA MET A 17 -11.84 3.89 -0.19
C MET A 17 -12.91 3.47 0.81
N THR A 18 -13.33 2.21 0.71
CA THR A 18 -14.36 1.68 1.59
C THR A 18 -13.71 1.09 2.85
N LEU A 19 -12.49 0.59 2.70
CA LEU A 19 -11.78 0.01 3.83
C LEU A 19 -11.29 1.10 4.77
N ARG A 20 -11.77 1.06 6.02
CA ARG A 20 -11.39 2.06 7.02
C ARG A 20 -11.16 1.40 8.38
N GLU A 21 -11.35 0.08 8.44
CA GLU A 21 -11.16 -0.65 9.68
C GLU A 21 -9.71 -0.53 10.16
N ARG A 22 -9.49 0.37 11.12
CA ARG A 22 -8.14 0.59 11.66
C ARG A 22 -7.47 -0.73 12.05
N HIS A 23 -8.23 -1.81 12.09
CA HIS A 23 -7.67 -3.10 12.47
C HIS A 23 -7.00 -3.78 11.28
N ILE A 24 -7.69 -3.81 10.15
CA ILE A 24 -7.18 -4.44 8.94
C ILE A 24 -6.00 -3.64 8.38
N LEU A 25 -6.16 -2.32 8.29
CA LEU A 25 -5.09 -1.47 7.76
C LEU A 25 -3.79 -1.66 8.55
N GLN A 26 -3.85 -1.37 9.85
CA GLN A 26 -2.67 -1.50 10.70
C GLN A 26 -1.99 -2.84 10.47
N GLN A 27 -2.77 -3.82 10.00
CA GLN A 27 -2.24 -5.14 9.73
C GLN A 27 -1.48 -5.17 8.42
N ILE A 28 -2.11 -4.73 7.33
CA ILE A 28 -1.47 -4.70 6.03
C ILE A 28 -0.26 -3.76 6.07
N VAL A 29 -0.46 -2.58 6.65
CA VAL A 29 0.61 -1.60 6.76
C VAL A 29 1.84 -2.23 7.39
N ASN A 30 1.62 -3.27 8.20
CA ASN A 30 2.72 -3.97 8.85
C ASN A 30 3.50 -4.82 7.85
N LEU A 31 2.83 -5.20 6.77
CA LEU A 31 3.47 -6.01 5.74
C LEU A 31 4.43 -5.14 4.90
N ILE A 32 3.88 -4.13 4.25
CA ILE A 32 4.69 -3.23 3.42
C ILE A 32 5.81 -2.63 4.25
N GLU A 33 5.71 -2.74 5.57
CA GLU A 33 6.74 -2.19 6.46
C GLU A 33 7.94 -3.11 6.50
N GLU A 34 7.74 -4.38 6.13
CA GLU A 34 8.83 -5.35 6.13
C GLU A 34 9.58 -5.34 4.81
N THR A 35 8.85 -5.35 3.70
CA THR A 35 9.48 -5.36 2.38
C THR A 35 10.45 -4.19 2.24
N GLY A 36 10.16 -3.10 2.95
CA GLY A 36 11.02 -1.92 2.91
C GLY A 36 10.90 -1.22 1.56
N HIS A 37 9.73 -0.67 1.28
CA HIS A 37 9.50 0.03 0.02
C HIS A 37 8.23 0.88 0.07
N PHE A 38 8.36 2.10 0.59
CA PHE A 38 7.21 2.98 0.69
C PHE A 38 7.64 4.39 1.07
N HIS A 39 6.87 5.38 0.63
CA HIS A 39 7.17 6.77 0.94
C HIS A 39 6.31 7.24 2.11
N ILE A 40 6.95 7.53 3.23
CA ILE A 40 6.25 7.97 4.43
C ILE A 40 6.25 9.49 4.53
N THR A 41 5.26 10.03 5.25
CA THR A 41 5.15 11.47 5.42
C THR A 41 4.54 11.81 6.78
N ASN A 42 3.92 12.98 6.85
CA ASN A 42 3.30 13.45 8.10
C ASN A 42 2.49 12.34 8.77
N THR A 43 1.30 12.08 8.23
CA THR A 43 0.41 11.06 8.80
C THR A 43 -0.24 10.21 7.70
N THR A 44 0.54 9.81 6.70
CA THR A 44 0.00 9.01 5.61
C THR A 44 1.03 8.01 5.10
N PHE A 45 0.60 6.75 4.97
CA PHE A 45 1.47 5.69 4.48
C PHE A 45 1.24 5.53 2.98
N ASP A 46 2.17 6.05 2.20
CA ASP A 46 2.06 5.98 0.74
C ASP A 46 2.90 4.84 0.19
N PHE A 47 2.27 4.00 -0.62
CA PHE A 47 2.96 2.87 -1.21
C PHE A 47 2.40 2.56 -2.59
N ASP A 48 3.24 2.00 -3.45
CA ASP A 48 2.84 1.69 -4.83
C ASP A 48 2.59 0.20 -5.01
N LEU A 49 1.57 -0.11 -5.80
CA LEU A 49 1.21 -1.50 -6.07
C LEU A 49 2.12 -2.09 -7.15
N CYS A 50 2.44 -1.28 -8.16
CA CYS A 50 3.29 -1.74 -9.25
C CYS A 50 4.76 -1.68 -8.87
N SER A 51 5.06 -1.05 -7.74
CA SER A 51 6.44 -0.93 -7.30
C SER A 51 6.95 -2.27 -6.76
N LEU A 52 6.06 -3.03 -6.15
CA LEU A 52 6.42 -4.33 -5.59
C LEU A 52 6.22 -5.45 -6.62
N ASP A 53 6.78 -6.62 -6.32
CA ASP A 53 6.65 -7.76 -7.21
C ASP A 53 5.30 -8.45 -7.03
N LYS A 54 5.07 -9.52 -7.78
CA LYS A 54 3.82 -10.26 -7.67
C LYS A 54 3.78 -11.10 -6.41
N THR A 55 4.90 -11.76 -6.11
CA THR A 55 4.98 -12.59 -4.91
C THR A 55 4.44 -11.84 -3.70
N THR A 56 4.51 -10.51 -3.76
CA THR A 56 4.02 -9.68 -2.65
C THR A 56 2.53 -9.41 -2.81
N VAL A 57 2.08 -9.34 -4.07
CA VAL A 57 0.67 -9.08 -4.34
C VAL A 57 -0.20 -10.21 -3.83
N ARG A 58 0.26 -11.45 -4.05
CA ARG A 58 -0.49 -12.62 -3.61
C ARG A 58 -0.61 -12.63 -2.09
N LYS A 59 0.31 -11.95 -1.42
CA LYS A 59 0.31 -11.89 0.03
C LYS A 59 -0.62 -10.78 0.51
N LEU A 60 -0.38 -9.56 0.02
CA LEU A 60 -1.21 -8.42 0.40
C LEU A 60 -2.66 -8.72 0.06
N GLN A 61 -2.85 -9.57 -0.94
CA GLN A 61 -4.20 -9.94 -1.36
C GLN A 61 -4.90 -10.67 -0.22
N SER A 62 -4.11 -11.15 0.72
CA SER A 62 -4.64 -11.88 1.87
C SER A 62 -5.85 -11.18 2.47
N TYR A 63 -5.70 -9.90 2.81
CA TYR A 63 -6.80 -9.16 3.42
C TYR A 63 -7.96 -8.94 2.45
N LEU A 64 -7.71 -9.20 1.16
CA LEU A 64 -8.75 -9.01 0.14
C LEU A 64 -9.44 -10.35 -0.15
N GLU A 65 -8.67 -11.31 -0.64
CA GLU A 65 -9.21 -12.63 -0.97
C GLU A 65 -9.99 -13.20 0.21
N THR A 66 -9.56 -12.86 1.41
CA THR A 66 -10.22 -13.34 2.62
C THR A 66 -11.73 -13.15 2.51
N SER A 67 -12.42 -14.25 2.22
CA SER A 67 -13.88 -14.21 2.09
C SER A 67 -14.54 -14.25 3.46
N GLY A 68 -14.01 -13.46 4.39
CA GLY A 68 -14.56 -13.42 5.74
C GLY A 68 -15.97 -12.84 5.75
N THR A 69 -16.07 -11.53 5.50
CA THR A 69 -17.36 -10.88 5.47
C THR A 69 -18.06 -11.12 4.14
N SER A 70 -17.35 -11.72 3.20
CA SER A 70 -17.91 -12.00 1.88
C SER A 70 -18.46 -10.74 1.25
N THR B 1 13.01 -1.96 8.94
CA THR B 1 13.97 -0.84 8.75
C THR B 1 14.98 -1.21 7.67
N THR B 2 15.85 -2.18 8.00
CA THR B 2 16.87 -2.62 7.06
C THR B 2 17.59 -1.43 6.45
N ASN B 3 18.20 -0.61 7.30
CA ASN B 3 18.92 0.57 6.83
C ASN B 3 17.97 1.55 6.14
N SER B 4 17.84 2.73 6.72
CA SER B 4 16.95 3.75 6.16
C SER B 4 17.69 4.55 5.09
N SER B 5 18.89 4.11 4.74
CA SER B 5 19.68 4.80 3.72
C SER B 5 18.92 4.84 2.40
N SER B 6 19.06 5.95 1.68
CA SER B 6 18.39 6.11 0.39
C SER B 6 16.92 5.74 0.51
N ASN B 7 16.12 6.69 0.99
CA ASN B 7 14.69 6.45 1.15
C ASN B 7 13.95 6.69 -0.16
N HIS B 8 13.82 7.96 -0.54
CA HIS B 8 13.14 8.31 -1.79
C HIS B 8 13.99 7.93 -2.99
N LEU B 9 13.58 6.89 -3.71
CA LEU B 9 14.31 6.44 -4.88
C LEU B 9 13.87 7.22 -6.12
N GLU B 10 14.68 8.19 -6.54
CA GLU B 10 14.36 8.99 -7.71
C GLU B 10 13.09 9.81 -7.46
N ASP B 11 13.26 11.13 -7.36
CA ASP B 11 12.14 12.02 -7.12
C ASP B 11 11.27 12.13 -8.38
N PRO B 12 10.00 12.46 -8.25
CA PRO B 12 9.09 12.58 -9.43
C PRO B 12 9.51 13.70 -10.37
N HIS B 13 8.69 13.97 -11.37
CA HIS B 13 8.98 15.03 -12.34
C HIS B 13 7.70 15.67 -12.85
N TYR B 14 6.81 14.84 -13.39
CA TYR B 14 5.54 15.35 -13.91
C TYR B 14 4.49 14.24 -13.91
N SER B 15 4.94 13.00 -13.70
CA SER B 15 4.04 11.86 -13.67
C SER B 15 3.09 11.90 -14.86
N GLU B 16 3.47 11.26 -15.95
CA GLU B 16 2.62 11.23 -17.14
C GLU B 16 1.32 10.48 -16.85
N LEU B 17 1.36 9.16 -16.98
CA LEU B 17 0.18 8.34 -16.73
C LEU B 17 0.13 7.94 -15.27
N THR B 18 -0.78 7.02 -14.94
CA THR B 18 -0.93 6.55 -13.57
C THR B 18 0.17 5.55 -13.23
N ASN B 19 0.06 4.92 -12.07
CA ASN B 19 1.05 3.93 -11.64
C ASN B 19 0.52 3.22 -10.41
N LEU B 20 -0.80 3.25 -10.26
CA LEU B 20 -1.46 2.62 -9.12
C LEU B 20 -0.71 2.95 -7.83
N LYS B 21 -1.17 4.01 -7.17
CA LYS B 21 -0.58 4.48 -5.91
C LYS B 21 -1.67 4.68 -4.87
N VAL B 22 -1.43 4.15 -3.67
CA VAL B 22 -2.40 4.24 -2.58
C VAL B 22 -1.98 5.27 -1.54
N CYS B 23 -2.96 5.74 -0.76
CA CYS B 23 -2.71 6.71 0.30
C CYS B 23 -3.56 6.36 1.51
N ILE B 24 -2.93 5.79 2.54
CA ILE B 24 -3.64 5.40 3.76
C ILE B 24 -3.54 6.48 4.81
N GLU B 25 -4.68 6.97 5.28
CA GLU B 25 -4.68 8.00 6.31
C GLU B 25 -4.37 7.41 7.67
N LEU B 26 -3.16 7.68 8.17
CA LEU B 26 -2.76 7.15 9.48
C LEU B 26 -3.49 7.90 10.59
N THR B 27 -4.44 8.77 10.21
CA THR B 27 -5.19 9.53 11.19
C THR B 27 -6.17 8.63 11.93
N GLY B 28 -6.72 7.64 11.24
CA GLY B 28 -7.68 6.72 11.85
C GLY B 28 -6.97 5.48 12.40
N LEU B 29 -5.65 5.53 12.41
CA LEU B 29 -4.85 4.40 12.90
C LEU B 29 -4.46 4.64 14.37
N HIS B 30 -5.25 4.07 15.28
CA HIS B 30 -4.97 4.24 16.71
C HIS B 30 -5.82 3.28 17.54
N PRO B 31 -5.66 2.00 17.35
CA PRO B 31 -6.44 0.97 18.12
C PRO B 31 -5.96 0.85 19.57
N LYS B 32 -6.82 1.26 20.50
CA LYS B 32 -6.49 1.19 21.92
C LYS B 32 -6.70 -0.22 22.45
N LYS B 33 -5.61 -0.95 22.66
CA LYS B 33 -5.69 -2.31 23.17
C LYS B 33 -6.27 -2.32 24.57
N MET A 1 3.55 -2.93 -20.41
CA MET A 1 2.34 -2.92 -19.53
C MET A 1 1.83 -4.34 -19.35
N ASP A 2 0.93 -4.52 -18.39
CA ASP A 2 0.35 -5.83 -18.12
C ASP A 2 -1.01 -5.69 -17.44
N LYS A 3 -1.91 -4.95 -18.09
CA LYS A 3 -3.25 -4.72 -17.56
C LYS A 3 -3.83 -6.00 -16.97
N ALA A 4 -3.38 -7.13 -17.49
CA ALA A 4 -3.86 -8.43 -17.02
C ALA A 4 -3.71 -8.52 -15.52
N TYR A 5 -2.52 -8.21 -15.04
CA TYR A 5 -2.21 -8.27 -13.61
C TYR A 5 -2.21 -6.88 -12.99
N LEU A 6 -1.95 -5.86 -13.81
CA LEU A 6 -1.94 -4.48 -13.30
C LEU A 6 -3.36 -4.04 -12.99
N ASP A 7 -4.22 -4.08 -14.00
CA ASP A 7 -5.61 -3.68 -13.83
C ASP A 7 -6.25 -4.46 -12.68
N GLU A 8 -5.61 -5.56 -12.27
CA GLU A 8 -6.13 -6.37 -11.19
C GLU A 8 -6.02 -5.65 -9.85
N LEU A 9 -4.96 -4.86 -9.68
CA LEU A 9 -4.76 -4.13 -8.44
C LEU A 9 -5.64 -2.90 -8.39
N VAL A 10 -6.14 -2.50 -9.56
CA VAL A 10 -6.99 -1.33 -9.68
C VAL A 10 -8.09 -1.32 -8.63
N GLU A 11 -8.49 -2.50 -8.17
CA GLU A 11 -9.54 -2.60 -7.17
C GLU A 11 -9.05 -2.14 -5.81
N LEU A 12 -7.99 -2.78 -5.32
CA LEU A 12 -7.43 -2.44 -4.02
C LEU A 12 -7.00 -0.97 -3.98
N HIS A 13 -7.08 -0.31 -5.12
CA HIS A 13 -6.70 1.09 -5.23
C HIS A 13 -7.82 2.01 -4.72
N ARG A 14 -8.96 1.98 -5.41
CA ARG A 14 -10.08 2.81 -5.02
C ARG A 14 -10.83 2.20 -3.83
N ARG A 15 -11.20 0.93 -3.97
CA ARG A 15 -11.93 0.24 -2.92
C ARG A 15 -11.28 0.46 -1.55
N LEU A 16 -9.97 0.69 -1.54
CA LEU A 16 -9.26 0.90 -0.28
C LEU A 16 -9.91 2.04 0.51
N MET A 17 -10.71 2.85 -0.18
CA MET A 17 -11.38 3.97 0.47
C MET A 17 -12.67 3.52 1.15
N THR A 18 -13.21 2.40 0.68
CA THR A 18 -14.45 1.87 1.25
C THR A 18 -14.14 1.19 2.58
N LEU A 19 -12.90 0.75 2.73
CA LEU A 19 -12.46 0.09 3.95
C LEU A 19 -12.11 1.13 5.00
N ARG A 20 -12.51 0.87 6.26
CA ARG A 20 -12.23 1.81 7.34
C ARG A 20 -11.86 1.06 8.63
N GLU A 21 -11.86 -0.28 8.56
CA GLU A 21 -11.52 -1.08 9.73
C GLU A 21 -10.08 -0.80 10.14
N ARG A 22 -9.91 0.02 11.17
CA ARG A 22 -8.58 0.37 11.65
C ARG A 22 -7.77 -0.88 11.96
N HIS A 23 -8.42 -2.04 11.98
CA HIS A 23 -7.73 -3.29 12.27
C HIS A 23 -7.06 -3.86 11.02
N ILE A 24 -7.84 -4.11 9.98
CA ILE A 24 -7.33 -4.67 8.75
C ILE A 24 -6.28 -3.74 8.12
N LEU A 25 -6.62 -2.47 7.94
CA LEU A 25 -5.69 -1.51 7.35
C LEU A 25 -4.35 -1.51 8.08
N GLN A 26 -4.37 -1.21 9.37
CA GLN A 26 -3.15 -1.17 10.15
C GLN A 26 -2.35 -2.47 9.98
N GLN A 27 -3.07 -3.59 9.94
CA GLN A 27 -2.42 -4.88 9.80
C GLN A 27 -1.73 -5.02 8.45
N ILE A 28 -2.31 -4.42 7.40
CA ILE A 28 -1.72 -4.49 6.08
C ILE A 28 -0.49 -3.59 6.02
N VAL A 29 -0.56 -2.44 6.69
CA VAL A 29 0.55 -1.51 6.71
C VAL A 29 1.81 -2.19 7.26
N ASN A 30 1.61 -3.23 8.06
CA ASN A 30 2.73 -3.97 8.63
C ASN A 30 3.44 -4.80 7.57
N LEU A 31 2.70 -5.16 6.52
CA LEU A 31 3.28 -5.95 5.44
C LEU A 31 4.27 -5.12 4.63
N ILE A 32 3.77 -4.05 4.03
CA ILE A 32 4.62 -3.16 3.23
C ILE A 32 5.81 -2.66 4.05
N GLU A 33 5.72 -2.82 5.37
CA GLU A 33 6.79 -2.37 6.25
C GLU A 33 7.89 -3.43 6.34
N GLU A 34 7.55 -4.67 6.00
CA GLU A 34 8.50 -5.76 6.05
C GLU A 34 9.26 -5.91 4.73
N THR A 35 8.53 -5.87 3.62
CA THR A 35 9.16 -6.01 2.31
C THR A 35 10.27 -4.98 2.11
N GLY A 36 9.99 -3.73 2.50
CA GLY A 36 10.99 -2.68 2.37
C GLY A 36 10.88 -1.97 1.02
N HIS A 37 9.90 -1.10 0.88
CA HIS A 37 9.70 -0.36 -0.36
C HIS A 37 8.45 0.52 -0.25
N PHE A 38 8.64 1.76 0.22
CA PHE A 38 7.54 2.69 0.38
C PHE A 38 8.04 4.08 0.75
N HIS A 39 7.13 4.98 1.08
CA HIS A 39 7.49 6.35 1.45
C HIS A 39 6.56 6.87 2.53
N ILE A 40 7.13 7.22 3.68
CA ILE A 40 6.35 7.73 4.80
C ILE A 40 6.31 9.25 4.76
N THR A 41 5.21 9.83 5.24
CA THR A 41 5.05 11.28 5.27
C THR A 41 4.48 11.73 6.62
N ASN A 42 3.83 12.88 6.62
CA ASN A 42 3.25 13.41 7.85
C ASN A 42 2.47 12.34 8.60
N THR A 43 1.24 12.08 8.15
CA THR A 43 0.37 11.09 8.76
C THR A 43 -0.33 10.26 7.70
N THR A 44 0.41 9.90 6.65
CA THR A 44 -0.15 9.11 5.56
C THR A 44 0.88 8.14 5.01
N PHE A 45 0.51 6.87 4.92
CA PHE A 45 1.40 5.85 4.41
C PHE A 45 1.11 5.66 2.92
N ASP A 46 1.99 6.23 2.09
CA ASP A 46 1.83 6.16 0.65
C ASP A 46 2.85 5.20 0.04
N PHE A 47 2.38 4.37 -0.89
CA PHE A 47 3.25 3.42 -1.54
C PHE A 47 2.74 3.10 -2.94
N ASP A 48 3.59 2.47 -3.76
CA ASP A 48 3.24 2.14 -5.14
C ASP A 48 3.07 0.63 -5.33
N LEU A 49 1.96 0.24 -5.96
CA LEU A 49 1.68 -1.17 -6.22
C LEU A 49 2.55 -1.69 -7.36
N CYS A 50 2.96 -0.78 -8.25
CA CYS A 50 3.78 -1.16 -9.38
C CYS A 50 5.26 -1.11 -9.02
N SER A 51 5.56 -0.79 -7.78
CA SER A 51 6.94 -0.70 -7.32
C SER A 51 7.42 -2.04 -6.78
N LEU A 52 6.51 -2.81 -6.18
CA LEU A 52 6.86 -4.10 -5.62
C LEU A 52 6.70 -5.22 -6.65
N ASP A 53 7.07 -6.43 -6.25
CA ASP A 53 6.97 -7.58 -7.14
C ASP A 53 5.62 -8.26 -6.97
N LYS A 54 5.45 -9.41 -7.61
CA LYS A 54 4.21 -10.15 -7.52
C LYS A 54 4.15 -10.96 -6.23
N THR A 55 5.28 -11.52 -5.83
CA THR A 55 5.35 -12.32 -4.61
C THR A 55 4.67 -11.60 -3.45
N THR A 56 4.70 -10.27 -3.49
CA THR A 56 4.09 -9.47 -2.44
C THR A 56 2.61 -9.22 -2.73
N VAL A 57 2.27 -9.16 -4.02
CA VAL A 57 0.88 -8.92 -4.41
C VAL A 57 -0.03 -10.05 -3.93
N ARG A 58 0.45 -11.28 -4.08
CA ARG A 58 -0.32 -12.45 -3.66
C ARG A 58 -0.47 -12.47 -2.14
N LYS A 59 0.44 -11.79 -1.45
CA LYS A 59 0.41 -11.74 0.00
C LYS A 59 -0.54 -10.66 0.48
N LEU A 60 -0.40 -9.46 -0.08
CA LEU A 60 -1.28 -8.35 0.28
C LEU A 60 -2.72 -8.75 0.03
N GLN A 61 -2.91 -9.68 -0.90
CA GLN A 61 -4.25 -10.16 -1.22
C GLN A 61 -4.85 -10.87 -0.02
N SER A 62 -3.98 -11.27 0.91
CA SER A 62 -4.40 -11.97 2.11
C SER A 62 -5.63 -11.32 2.75
N TYR A 63 -5.50 -10.05 3.15
CA TYR A 63 -6.59 -9.35 3.78
C TYR A 63 -7.81 -9.27 2.87
N LEU A 64 -7.59 -9.42 1.57
CA LEU A 64 -8.70 -9.36 0.61
C LEU A 64 -9.24 -10.77 0.35
N GLU A 65 -8.42 -11.77 0.62
CA GLU A 65 -8.82 -13.16 0.43
C GLU A 65 -9.45 -13.72 1.70
N THR A 66 -9.44 -12.92 2.76
CA THR A 66 -10.01 -13.35 4.03
C THR A 66 -11.39 -13.96 3.83
N SER A 67 -11.58 -15.17 4.34
CA SER A 67 -12.86 -15.86 4.20
C SER A 67 -13.79 -15.49 5.36
N GLY A 68 -14.18 -16.48 6.14
CA GLY A 68 -15.07 -16.25 7.27
C GLY A 68 -16.52 -16.23 6.82
N THR A 69 -16.96 -15.07 6.32
CA THR A 69 -18.33 -14.94 5.85
C THR A 69 -18.46 -15.37 4.39
N SER A 70 -17.32 -15.58 3.75
CA SER A 70 -17.30 -16.00 2.35
C SER A 70 -18.20 -15.10 1.51
N THR B 1 14.23 2.93 19.17
CA THR B 1 13.74 1.77 18.39
C THR B 1 12.79 2.24 17.30
N THR B 2 12.87 3.53 16.98
CA THR B 2 12.00 4.11 15.95
C THR B 2 12.76 5.19 15.18
N ASN B 3 13.40 4.78 14.08
CA ASN B 3 14.16 5.73 13.26
C ASN B 3 13.25 6.36 12.20
N SER B 4 13.75 7.42 11.57
CA SER B 4 12.97 8.11 10.53
C SER B 4 13.90 8.85 9.59
N SER B 5 13.78 8.57 8.30
CA SER B 5 14.61 9.22 7.29
C SER B 5 13.92 9.21 5.94
N SER B 6 12.68 9.68 5.90
CA SER B 6 11.92 9.72 4.65
C SER B 6 12.32 10.92 3.81
N ASN B 7 12.60 12.03 4.48
CA ASN B 7 13.00 13.26 3.79
C ASN B 7 11.97 13.62 2.73
N HIS B 8 12.42 14.31 1.68
CA HIS B 8 11.52 14.73 0.60
C HIS B 8 12.32 15.04 -0.65
N LEU B 9 13.34 15.87 -0.52
CA LEU B 9 14.18 16.25 -1.65
C LEU B 9 13.31 16.72 -2.82
N GLU B 10 13.95 16.98 -3.96
CA GLU B 10 13.23 17.44 -5.14
C GLU B 10 12.21 16.40 -5.58
N ASP B 11 10.94 16.77 -5.55
CA ASP B 11 9.87 15.85 -5.95
C ASP B 11 10.13 15.34 -7.37
N PRO B 12 9.60 14.19 -7.74
CA PRO B 12 9.82 13.61 -9.10
C PRO B 12 9.21 14.50 -10.19
N HIS B 13 9.24 14.01 -11.42
CA HIS B 13 8.69 14.76 -12.55
C HIS B 13 8.27 13.82 -13.67
N TYR B 14 7.96 14.39 -14.83
CA TYR B 14 7.55 13.59 -15.97
C TYR B 14 6.47 12.58 -15.57
N SER B 15 6.26 11.58 -16.42
CA SER B 15 5.27 10.55 -16.14
C SER B 15 3.92 11.18 -15.79
N GLU B 16 3.09 11.39 -16.80
CA GLU B 16 1.79 11.99 -16.60
C GLU B 16 0.75 10.92 -16.26
N LEU B 17 0.83 9.79 -16.94
CA LEU B 17 -0.10 8.69 -16.70
C LEU B 17 -0.05 8.26 -15.23
N THR B 18 -0.96 7.38 -14.86
CA THR B 18 -1.02 6.89 -13.48
C THR B 18 0.08 5.86 -13.24
N ASN B 19 -0.01 5.16 -12.12
CA ASN B 19 0.98 4.13 -11.77
C ASN B 19 0.50 3.38 -10.54
N LEU B 20 -0.81 3.41 -10.34
CA LEU B 20 -1.41 2.75 -9.20
C LEU B 20 -0.64 3.06 -7.92
N LYS B 21 -1.12 4.09 -7.21
CA LYS B 21 -0.49 4.54 -5.96
C LYS B 21 -1.55 4.65 -4.87
N VAL B 22 -1.28 4.03 -3.73
CA VAL B 22 -2.20 4.05 -2.59
C VAL B 22 -1.84 5.14 -1.60
N CYS B 23 -2.83 5.53 -0.78
CA CYS B 23 -2.63 6.54 0.25
C CYS B 23 -3.55 6.24 1.44
N ILE B 24 -2.97 5.72 2.52
CA ILE B 24 -3.75 5.38 3.72
C ILE B 24 -3.69 6.52 4.72
N GLU B 25 -4.83 6.87 5.29
CA GLU B 25 -4.88 7.95 6.28
C GLU B 25 -4.61 7.41 7.68
N LEU B 26 -3.47 7.79 8.26
CA LEU B 26 -3.12 7.33 9.60
C LEU B 26 -3.81 8.19 10.65
N THR B 27 -4.67 9.09 10.20
CA THR B 27 -5.40 9.96 11.12
C THR B 27 -6.53 9.20 11.80
N GLY B 28 -6.95 8.10 11.17
CA GLY B 28 -8.02 7.28 11.71
C GLY B 28 -7.47 6.15 12.58
N LEU B 29 -6.19 5.87 12.41
CA LEU B 29 -5.54 4.80 13.17
C LEU B 29 -4.87 5.39 14.41
N HIS B 30 -3.97 4.61 15.01
CA HIS B 30 -3.26 5.05 16.21
C HIS B 30 -2.15 4.07 16.59
N PRO B 31 -1.30 3.71 15.65
CA PRO B 31 -0.17 2.76 15.92
C PRO B 31 0.76 3.28 17.01
N LYS B 32 0.53 2.82 18.24
CA LYS B 32 1.36 3.24 19.36
C LYS B 32 1.55 4.76 19.37
N LYS B 33 2.45 5.24 20.22
CA LYS B 33 2.72 6.67 20.30
C LYS B 33 3.00 7.24 18.92
N MET A 1 2.55 -7.99 -15.91
CA MET A 1 3.30 -6.70 -15.81
C MET A 1 2.49 -5.59 -16.47
N ASP A 2 1.57 -5.99 -17.35
CA ASP A 2 0.73 -5.03 -18.06
C ASP A 2 -0.65 -4.92 -17.43
N LYS A 3 -1.50 -4.10 -18.03
CA LYS A 3 -2.87 -3.88 -17.52
C LYS A 3 -3.50 -5.21 -17.12
N ALA A 4 -3.05 -6.29 -17.75
CA ALA A 4 -3.57 -7.61 -17.46
C ALA A 4 -3.61 -7.86 -15.97
N TYR A 5 -2.47 -7.62 -15.34
CA TYR A 5 -2.32 -7.83 -13.89
C TYR A 5 -2.37 -6.49 -13.15
N LEU A 6 -1.96 -5.41 -13.82
CA LEU A 6 -1.98 -4.10 -13.20
C LEU A 6 -3.41 -3.72 -12.81
N ASP A 7 -4.35 -3.99 -13.73
CA ASP A 7 -5.75 -3.68 -13.49
C ASP A 7 -6.31 -4.53 -12.34
N GLU A 8 -5.60 -5.61 -12.02
CA GLU A 8 -6.05 -6.51 -10.95
C GLU A 8 -5.99 -5.82 -9.59
N LEU A 9 -5.03 -4.90 -9.42
CA LEU A 9 -4.89 -4.20 -8.16
C LEU A 9 -5.81 -2.99 -8.08
N VAL A 10 -6.30 -2.58 -9.24
CA VAL A 10 -7.18 -1.41 -9.34
C VAL A 10 -8.24 -1.42 -8.23
N GLU A 11 -8.57 -2.60 -7.73
CA GLU A 11 -9.58 -2.70 -6.68
C GLU A 11 -9.06 -2.15 -5.35
N LEU A 12 -8.03 -2.80 -4.83
CA LEU A 12 -7.43 -2.39 -3.55
C LEU A 12 -6.94 -0.95 -3.62
N HIS A 13 -7.03 -0.35 -4.80
CA HIS A 13 -6.57 1.03 -5.00
C HIS A 13 -7.63 2.02 -4.54
N ARG A 14 -8.77 2.02 -5.23
CA ARG A 14 -9.86 2.94 -4.89
C ARG A 14 -10.63 2.43 -3.68
N ARG A 15 -11.14 1.20 -3.79
CA ARG A 15 -11.91 0.61 -2.70
C ARG A 15 -11.23 0.82 -1.34
N LEU A 16 -9.91 0.96 -1.35
CA LEU A 16 -9.18 1.15 -0.10
C LEU A 16 -9.76 2.33 0.69
N MET A 17 -10.53 3.17 -0.01
CA MET A 17 -11.15 4.33 0.64
C MET A 17 -12.47 3.93 1.28
N THR A 18 -13.08 2.85 0.77
CA THR A 18 -14.34 2.37 1.30
C THR A 18 -14.09 1.53 2.55
N LEU A 19 -12.87 0.98 2.64
CA LEU A 19 -12.51 0.17 3.79
C LEU A 19 -12.11 1.06 4.96
N ARG A 20 -12.76 0.86 6.11
CA ARG A 20 -12.48 1.67 7.30
C ARG A 20 -12.12 0.78 8.48
N GLU A 21 -11.98 -0.52 8.23
CA GLU A 21 -11.62 -1.45 9.30
C GLU A 21 -10.22 -1.15 9.81
N ARG A 22 -10.13 -0.43 10.93
CA ARG A 22 -8.83 -0.09 11.49
C ARG A 22 -8.04 -1.34 11.83
N HIS A 23 -8.70 -2.49 11.81
CA HIS A 23 -8.02 -3.74 12.13
C HIS A 23 -7.28 -4.31 10.92
N ILE A 24 -8.01 -4.56 9.85
CA ILE A 24 -7.43 -5.13 8.64
C ILE A 24 -6.39 -4.19 8.03
N LEU A 25 -6.78 -2.94 7.77
CA LEU A 25 -5.86 -1.97 7.18
C LEU A 25 -4.55 -1.89 7.97
N GLN A 26 -4.63 -1.56 9.25
CA GLN A 26 -3.43 -1.44 10.07
C GLN A 26 -2.58 -2.71 9.99
N GLN A 27 -3.24 -3.86 9.89
CA GLN A 27 -2.52 -5.12 9.81
C GLN A 27 -1.80 -5.27 8.47
N ILE A 28 -2.41 -4.74 7.40
CA ILE A 28 -1.79 -4.82 6.09
C ILE A 28 -0.60 -3.86 6.02
N VAL A 29 -0.81 -2.64 6.49
CA VAL A 29 0.24 -1.63 6.49
C VAL A 29 1.53 -2.21 7.06
N ASN A 30 1.39 -3.23 7.89
CA ASN A 30 2.56 -3.87 8.50
C ASN A 30 3.40 -4.60 7.46
N LEU A 31 2.74 -5.24 6.50
CA LEU A 31 3.44 -5.98 5.45
C LEU A 31 4.40 -5.06 4.70
N ILE A 32 3.85 -4.10 3.97
CA ILE A 32 4.68 -3.15 3.21
C ILE A 32 5.79 -2.58 4.09
N GLU A 33 5.67 -2.73 5.40
CA GLU A 33 6.66 -2.20 6.33
C GLU A 33 7.95 -3.03 6.29
N GLU A 34 7.82 -4.35 6.20
CA GLU A 34 8.99 -5.22 6.18
C GLU A 34 9.55 -5.36 4.76
N THR A 35 8.70 -5.11 3.77
CA THR A 35 9.13 -5.22 2.37
C THR A 35 10.35 -4.34 2.12
N GLY A 36 10.25 -3.07 2.49
CA GLY A 36 11.35 -2.13 2.30
C GLY A 36 11.23 -1.42 0.96
N HIS A 37 10.07 -0.81 0.72
CA HIS A 37 9.84 -0.09 -0.53
C HIS A 37 8.61 0.81 -0.40
N PHE A 38 8.81 2.00 0.17
CA PHE A 38 7.71 2.94 0.35
C PHE A 38 8.24 4.30 0.81
N HIS A 39 7.33 5.21 1.17
CA HIS A 39 7.71 6.53 1.63
C HIS A 39 6.59 7.14 2.47
N ILE A 40 6.91 7.47 3.72
CA ILE A 40 5.93 8.04 4.62
C ILE A 40 6.05 9.55 4.69
N THR A 41 4.93 10.22 4.90
CA THR A 41 4.91 11.68 4.98
C THR A 41 3.81 12.14 5.94
N ASN A 42 4.13 13.17 6.74
CA ASN A 42 3.18 13.71 7.70
C ASN A 42 2.48 12.59 8.49
N THR A 43 1.24 12.29 8.11
CA THR A 43 0.47 11.25 8.78
C THR A 43 -0.16 10.30 7.76
N THR A 44 0.56 10.06 6.66
CA THR A 44 0.10 9.17 5.61
C THR A 44 1.25 8.30 5.12
N PHE A 45 0.94 7.06 4.77
CA PHE A 45 1.91 6.11 4.28
C PHE A 45 1.49 5.67 2.90
N ASP A 46 2.17 6.20 1.89
CA ASP A 46 1.85 5.90 0.50
C ASP A 46 2.91 5.02 -0.13
N PHE A 47 2.50 4.26 -1.13
CA PHE A 47 3.43 3.36 -1.82
C PHE A 47 2.87 3.00 -3.20
N ASP A 48 3.74 2.40 -4.03
CA ASP A 48 3.35 2.02 -5.38
C ASP A 48 3.15 0.52 -5.51
N LEU A 49 2.01 0.13 -6.07
CA LEU A 49 1.69 -1.28 -6.25
C LEU A 49 2.49 -1.87 -7.41
N CYS A 50 2.88 -1.02 -8.35
CA CYS A 50 3.64 -1.47 -9.52
C CYS A 50 5.14 -1.42 -9.25
N SER A 51 5.53 -1.20 -8.00
CA SER A 51 6.94 -1.13 -7.62
C SER A 51 7.42 -2.46 -7.05
N LEU A 52 6.52 -3.17 -6.35
CA LEU A 52 6.88 -4.44 -5.75
C LEU A 52 6.68 -5.59 -6.74
N ASP A 53 7.01 -6.80 -6.30
CA ASP A 53 6.87 -7.98 -7.14
C ASP A 53 5.51 -8.63 -6.93
N LYS A 54 5.33 -9.81 -7.53
CA LYS A 54 4.06 -10.54 -7.40
C LYS A 54 3.97 -11.23 -6.05
N THR A 55 5.09 -11.78 -5.58
CA THR A 55 5.12 -12.48 -4.31
C THR A 55 4.41 -11.65 -3.23
N THR A 56 4.41 -10.33 -3.41
CA THR A 56 3.78 -9.42 -2.46
C THR A 56 2.30 -9.25 -2.80
N VAL A 57 1.97 -9.31 -4.08
CA VAL A 57 0.59 -9.14 -4.52
C VAL A 57 -0.29 -10.23 -3.92
N ARG A 58 0.19 -11.46 -3.95
CA ARG A 58 -0.56 -12.59 -3.40
C ARG A 58 -0.68 -12.48 -1.89
N LYS A 59 0.24 -11.72 -1.28
CA LYS A 59 0.22 -11.54 0.16
C LYS A 59 -0.74 -10.43 0.55
N LEU A 60 -0.55 -9.25 -0.05
CA LEU A 60 -1.43 -8.13 0.24
C LEU A 60 -2.88 -8.54 -0.02
N GLN A 61 -3.05 -9.52 -0.90
CA GLN A 61 -4.38 -10.00 -1.24
C GLN A 61 -4.90 -10.93 -0.15
N SER A 62 -3.98 -11.46 0.65
CA SER A 62 -4.33 -12.37 1.73
C SER A 62 -5.47 -11.83 2.58
N TYR A 63 -5.34 -10.60 3.08
CA TYR A 63 -6.36 -10.02 3.92
C TYR A 63 -7.75 -10.07 3.28
N LEU A 64 -7.80 -10.27 1.96
CA LEU A 64 -9.07 -10.35 1.24
C LEU A 64 -9.40 -11.80 0.87
N GLU A 65 -8.42 -12.50 0.31
CA GLU A 65 -8.61 -13.88 -0.09
C GLU A 65 -8.78 -14.77 1.15
N THR A 66 -8.64 -14.18 2.32
CA THR A 66 -8.77 -14.92 3.57
C THR A 66 -10.19 -15.51 3.69
N SER A 67 -10.32 -16.78 3.36
CA SER A 67 -11.61 -17.44 3.44
C SER A 67 -12.08 -17.53 4.89
N GLY A 68 -11.22 -17.11 5.81
CA GLY A 68 -11.56 -17.14 7.23
C GLY A 68 -12.95 -16.54 7.47
N THR A 69 -13.16 -15.33 6.96
CA THR A 69 -14.45 -14.66 7.13
C THR A 69 -14.60 -13.54 6.11
N SER A 70 -14.22 -13.82 4.87
CA SER A 70 -14.32 -12.82 3.81
C SER A 70 -14.49 -13.50 2.45
N THR B 1 11.24 6.74 17.96
CA THR B 1 10.44 7.92 18.39
C THR B 1 11.15 9.19 17.94
N THR B 2 10.69 9.75 16.82
CA THR B 2 11.27 10.98 16.29
C THR B 2 12.79 10.86 16.23
N ASN B 3 13.27 9.63 16.14
CA ASN B 3 14.71 9.39 16.08
C ASN B 3 15.30 10.01 14.81
N SER B 4 15.06 9.37 13.67
CA SER B 4 15.57 9.87 12.40
C SER B 4 15.22 11.34 12.22
N SER B 5 13.93 11.63 12.08
CA SER B 5 13.48 13.00 11.90
C SER B 5 14.10 13.62 10.65
N SER B 6 13.56 14.75 10.22
CA SER B 6 14.06 15.43 9.03
C SER B 6 14.19 14.46 7.87
N ASN B 7 13.14 14.35 7.07
CA ASN B 7 13.15 13.45 5.93
C ASN B 7 12.11 13.87 4.90
N HIS B 8 11.15 14.70 5.34
CA HIS B 8 10.11 15.18 4.45
C HIS B 8 10.54 16.46 3.74
N LEU B 9 11.38 16.31 2.73
CA LEU B 9 11.87 17.46 1.97
C LEU B 9 10.89 17.80 0.84
N GLU B 10 11.22 17.33 -0.36
CA GLU B 10 10.37 17.59 -1.51
C GLU B 10 9.26 16.55 -1.60
N ASP B 11 8.13 16.95 -2.19
CA ASP B 11 6.99 16.04 -2.32
C ASP B 11 7.12 15.22 -3.61
N PRO B 12 6.51 14.05 -3.67
CA PRO B 12 6.59 13.19 -4.88
C PRO B 12 5.95 13.83 -6.11
N HIS B 13 5.43 15.04 -5.92
CA HIS B 13 4.79 15.77 -7.01
C HIS B 13 3.46 15.11 -7.37
N TYR B 14 2.55 15.89 -7.93
CA TYR B 14 1.24 15.38 -8.32
C TYR B 14 1.28 14.86 -9.76
N SER B 15 2.48 14.70 -10.29
CA SER B 15 2.64 14.21 -11.66
C SER B 15 2.34 12.72 -11.72
N GLU B 16 2.41 12.16 -12.93
CA GLU B 16 2.15 10.74 -13.12
C GLU B 16 0.85 10.34 -12.41
N LEU B 17 -0.28 10.64 -13.03
CA LEU B 17 -1.57 10.31 -12.46
C LEU B 17 -2.04 8.95 -12.96
N THR B 18 -1.11 8.03 -13.07
CA THR B 18 -1.42 6.68 -13.53
C THR B 18 -0.24 5.74 -13.28
N ASN B 19 -0.25 5.10 -12.11
CA ASN B 19 0.82 4.17 -11.76
C ASN B 19 0.41 3.40 -10.51
N LEU B 20 -0.90 3.35 -10.27
CA LEU B 20 -1.45 2.66 -9.12
C LEU B 20 -0.63 2.96 -7.86
N LYS B 21 -1.07 3.99 -7.14
CA LYS B 21 -0.42 4.43 -5.91
C LYS B 21 -1.45 4.57 -4.80
N VAL B 22 -1.15 3.98 -3.64
CA VAL B 22 -2.07 4.03 -2.50
C VAL B 22 -1.68 5.14 -1.53
N CYS B 23 -2.65 5.55 -0.72
CA CYS B 23 -2.43 6.58 0.28
C CYS B 23 -3.37 6.34 1.47
N ILE B 24 -2.83 5.80 2.55
CA ILE B 24 -3.64 5.51 3.74
C ILE B 24 -3.47 6.62 4.78
N GLU B 25 -4.60 7.15 5.25
CA GLU B 25 -4.56 8.21 6.25
C GLU B 25 -4.51 7.62 7.66
N LEU B 26 -3.42 7.91 8.38
CA LEU B 26 -3.25 7.40 9.73
C LEU B 26 -4.01 8.28 10.72
N THR B 27 -4.75 9.26 10.20
CA THR B 27 -5.52 10.16 11.05
C THR B 27 -6.68 9.41 11.69
N GLY B 28 -7.16 8.38 11.02
CA GLY B 28 -8.28 7.59 11.54
C GLY B 28 -7.78 6.56 12.55
N LEU B 29 -6.99 5.61 12.09
CA LEU B 29 -6.46 4.56 12.95
C LEU B 29 -5.24 5.06 13.71
N HIS B 30 -5.44 5.45 14.96
CA HIS B 30 -4.34 5.95 15.79
C HIS B 30 -4.50 5.47 17.24
N PRO B 31 -4.70 4.19 17.43
CA PRO B 31 -4.86 3.61 18.80
C PRO B 31 -3.62 3.79 19.65
N LYS B 32 -3.77 3.69 20.97
CA LYS B 32 -2.66 3.85 21.89
C LYS B 32 -1.96 2.50 22.12
N LYS B 33 -0.88 2.26 21.40
CA LYS B 33 -0.14 1.01 21.54
C LYS B 33 0.85 1.11 22.70
N MET A 1 6.16 -8.25 -15.72
CA MET A 1 5.34 -7.07 -16.11
C MET A 1 4.16 -7.52 -16.96
N ASP A 2 2.95 -7.18 -16.54
CA ASP A 2 1.75 -7.57 -17.26
C ASP A 2 0.64 -6.55 -17.04
N LYS A 3 0.16 -5.94 -18.13
CA LYS A 3 -0.90 -4.95 -18.03
C LYS A 3 -2.11 -5.53 -17.31
N ALA A 4 -2.42 -6.79 -17.60
CA ALA A 4 -3.56 -7.46 -16.98
C ALA A 4 -3.41 -7.44 -15.46
N TYR A 5 -2.18 -7.57 -14.99
CA TYR A 5 -1.91 -7.58 -13.57
C TYR A 5 -2.35 -6.26 -12.93
N LEU A 6 -1.71 -5.20 -13.34
CA LEU A 6 -2.02 -3.87 -12.84
C LEU A 6 -3.51 -3.62 -12.97
N ASP A 7 -4.05 -3.96 -14.13
CA ASP A 7 -5.48 -3.79 -14.38
C ASP A 7 -6.27 -4.54 -13.33
N GLU A 8 -5.62 -5.49 -12.67
CA GLU A 8 -6.25 -6.30 -11.63
C GLU A 8 -6.23 -5.58 -10.29
N LEU A 9 -5.12 -4.90 -9.99
CA LEU A 9 -5.01 -4.19 -8.73
C LEU A 9 -5.76 -2.87 -8.80
N VAL A 10 -6.07 -2.46 -10.02
CA VAL A 10 -6.79 -1.22 -10.27
C VAL A 10 -8.05 -1.14 -9.41
N GLU A 11 -8.58 -2.29 -9.03
CA GLU A 11 -9.80 -2.32 -8.21
C GLU A 11 -9.49 -2.01 -6.74
N LEU A 12 -8.56 -2.76 -6.17
CA LEU A 12 -8.19 -2.57 -4.78
C LEU A 12 -7.56 -1.18 -4.58
N HIS A 13 -7.41 -0.47 -5.68
CA HIS A 13 -6.81 0.87 -5.65
C HIS A 13 -7.82 1.89 -5.13
N ARG A 14 -8.93 2.04 -5.84
CA ARG A 14 -9.96 2.99 -5.43
C ARG A 14 -10.82 2.42 -4.31
N ARG A 15 -11.27 1.18 -4.48
CA ARG A 15 -12.10 0.53 -3.47
C ARG A 15 -11.47 0.66 -2.07
N LEU A 16 -10.16 0.70 -2.03
CA LEU A 16 -9.44 0.82 -0.75
C LEU A 16 -9.95 2.02 0.03
N MET A 17 -10.63 2.94 -0.66
CA MET A 17 -11.16 4.13 -0.01
C MET A 17 -12.34 3.78 0.89
N THR A 18 -13.01 2.67 0.60
CA THR A 18 -14.14 2.25 1.40
C THR A 18 -13.65 1.57 2.68
N LEU A 19 -12.49 0.95 2.60
CA LEU A 19 -11.91 0.27 3.77
C LEU A 19 -11.46 1.28 4.80
N ARG A 20 -11.78 1.01 6.07
CA ARG A 20 -11.40 1.92 7.15
C ARG A 20 -11.17 1.15 8.45
N GLU A 21 -11.16 -0.18 8.35
CA GLU A 21 -10.95 -1.00 9.54
C GLU A 21 -9.55 -0.79 10.10
N ARG A 22 -9.45 0.02 11.15
CA ARG A 22 -8.17 0.31 11.77
C ARG A 22 -7.47 -0.97 12.23
N HIS A 23 -8.20 -2.07 12.25
CA HIS A 23 -7.62 -3.34 12.68
C HIS A 23 -6.86 -4.01 11.55
N ILE A 24 -7.54 -4.24 10.43
CA ILE A 24 -6.93 -4.87 9.27
C ILE A 24 -5.82 -4.00 8.69
N LEU A 25 -6.16 -2.79 8.26
CA LEU A 25 -5.16 -1.90 7.68
C LEU A 25 -3.90 -1.86 8.52
N GLN A 26 -4.05 -1.63 9.81
CA GLN A 26 -2.90 -1.56 10.71
C GLN A 26 -1.97 -2.75 10.49
N GLN A 27 -2.55 -3.90 10.17
CA GLN A 27 -1.74 -5.10 9.94
C GLN A 27 -1.07 -5.04 8.56
N ILE A 28 -1.86 -4.78 7.52
CA ILE A 28 -1.32 -4.70 6.19
C ILE A 28 -0.13 -3.74 6.16
N VAL A 29 -0.33 -2.54 6.70
CA VAL A 29 0.73 -1.54 6.74
C VAL A 29 2.02 -2.16 7.26
N ASN A 30 1.89 -3.22 8.06
CA ASN A 30 3.04 -3.90 8.61
C ASN A 30 3.82 -4.66 7.53
N LEU A 31 3.08 -5.28 6.62
CA LEU A 31 3.70 -6.04 5.54
C LEU A 31 4.65 -5.15 4.73
N ILE A 32 4.11 -4.10 4.13
CA ILE A 32 4.91 -3.18 3.34
C ILE A 32 6.08 -2.64 4.18
N GLU A 33 6.00 -2.83 5.49
CA GLU A 33 7.06 -2.35 6.37
C GLU A 33 8.21 -3.35 6.43
N GLU A 34 7.92 -4.60 6.07
CA GLU A 34 8.93 -5.65 6.09
C GLU A 34 9.67 -5.73 4.76
N THR A 35 8.93 -5.72 3.66
CA THR A 35 9.53 -5.81 2.33
C THR A 35 10.57 -4.71 2.14
N GLY A 36 10.24 -3.50 2.58
CA GLY A 36 11.16 -2.37 2.46
C GLY A 36 11.02 -1.70 1.10
N HIS A 37 9.98 -0.88 0.96
CA HIS A 37 9.74 -0.17 -0.30
C HIS A 37 8.46 0.66 -0.20
N PHE A 38 8.60 1.91 0.25
CA PHE A 38 7.46 2.80 0.39
C PHE A 38 7.94 4.22 0.74
N HIS A 39 6.99 5.09 1.05
CA HIS A 39 7.31 6.47 1.40
C HIS A 39 6.27 7.04 2.36
N ILE A 40 6.72 7.46 3.53
CA ILE A 40 5.84 8.02 4.53
C ILE A 40 5.76 9.54 4.37
N THR A 41 4.60 10.10 4.69
CA THR A 41 4.40 11.54 4.57
C THR A 41 3.35 12.03 5.57
N ASN A 42 3.73 13.01 6.38
CA ASN A 42 2.82 13.56 7.37
C ASN A 42 2.20 12.46 8.22
N THR A 43 0.96 12.09 7.90
CA THR A 43 0.25 11.06 8.64
C THR A 43 -0.48 10.12 7.67
N THR A 44 0.18 9.78 6.57
CA THR A 44 -0.41 8.89 5.57
C THR A 44 0.65 7.93 5.03
N PHE A 45 0.28 6.65 4.95
CA PHE A 45 1.18 5.65 4.46
C PHE A 45 1.01 5.52 2.95
N ASP A 46 1.95 6.10 2.21
CA ASP A 46 1.89 6.08 0.75
C ASP A 46 2.80 4.99 0.21
N PHE A 47 2.23 4.12 -0.62
CA PHE A 47 2.99 3.03 -1.20
C PHE A 47 2.45 2.67 -2.58
N ASP A 48 3.35 2.18 -3.43
CA ASP A 48 2.98 1.82 -4.81
C ASP A 48 2.81 0.31 -4.97
N LEU A 49 1.82 -0.06 -5.77
CA LEU A 49 1.54 -1.47 -6.01
C LEU A 49 2.51 -2.03 -7.06
N CYS A 50 2.55 -1.37 -8.22
CA CYS A 50 3.43 -1.83 -9.30
C CYS A 50 4.89 -1.63 -8.93
N SER A 51 5.16 -1.16 -7.72
CA SER A 51 6.52 -0.94 -7.27
C SER A 51 7.14 -2.24 -6.77
N LEU A 52 6.31 -3.09 -6.16
CA LEU A 52 6.78 -4.36 -5.63
C LEU A 52 6.56 -5.49 -6.63
N ASP A 53 6.89 -6.72 -6.22
CA ASP A 53 6.72 -7.87 -7.08
C ASP A 53 5.33 -8.48 -6.90
N LYS A 54 5.13 -9.67 -7.47
CA LYS A 54 3.84 -10.34 -7.36
C LYS A 54 3.73 -11.05 -6.01
N THR A 55 4.82 -11.69 -5.59
CA THR A 55 4.83 -12.41 -4.31
C THR A 55 4.20 -11.55 -3.21
N THR A 56 4.24 -10.24 -3.40
CA THR A 56 3.67 -9.33 -2.43
C THR A 56 2.19 -9.10 -2.70
N VAL A 57 1.82 -9.11 -3.98
CA VAL A 57 0.43 -8.91 -4.36
C VAL A 57 -0.44 -10.05 -3.83
N ARG A 58 0.06 -11.27 -3.93
CA ARG A 58 -0.68 -12.42 -3.44
C ARG A 58 -0.79 -12.39 -1.92
N LYS A 59 0.13 -11.66 -1.29
CA LYS A 59 0.13 -11.53 0.16
C LYS A 59 -0.81 -10.42 0.60
N LEU A 60 -0.62 -9.23 0.06
CA LEU A 60 -1.48 -8.10 0.41
C LEU A 60 -2.92 -8.46 0.12
N GLN A 61 -3.12 -9.39 -0.82
CA GLN A 61 -4.47 -9.81 -1.18
C GLN A 61 -5.09 -10.59 -0.02
N SER A 62 -4.23 -11.09 0.87
CA SER A 62 -4.68 -11.86 2.02
C SER A 62 -5.81 -11.17 2.76
N TYR A 63 -5.53 -10.00 3.34
CA TYR A 63 -6.54 -9.27 4.09
C TYR A 63 -7.77 -8.97 3.24
N LEU A 64 -7.55 -8.81 1.94
CA LEU A 64 -8.65 -8.51 1.03
C LEU A 64 -9.32 -9.78 0.54
N GLU A 65 -8.68 -10.92 0.80
CA GLU A 65 -9.23 -12.21 0.39
C GLU A 65 -10.05 -12.84 1.52
N THR A 66 -9.95 -12.23 2.69
CA THR A 66 -10.68 -12.74 3.86
C THR A 66 -12.05 -12.07 3.96
N SER A 67 -12.06 -10.77 4.28
CA SER A 67 -13.30 -10.04 4.40
C SER A 67 -13.92 -9.76 3.04
N GLY A 68 -13.39 -10.41 2.01
CA GLY A 68 -13.88 -10.23 0.66
C GLY A 68 -15.34 -10.68 0.54
N THR A 69 -16.25 -9.83 1.01
CA THR A 69 -17.67 -10.15 0.96
C THR A 69 -17.94 -11.48 1.65
N SER A 70 -17.31 -11.70 2.80
CA SER A 70 -17.49 -12.93 3.54
C SER A 70 -16.90 -12.81 4.94
N THR B 1 -0.38 17.58 11.70
CA THR B 1 -1.31 18.54 12.36
C THR B 1 -0.54 19.38 13.37
N THR B 2 -0.88 20.67 13.44
CA THR B 2 -0.21 21.57 14.37
C THR B 2 1.26 21.72 14.00
N ASN B 3 1.63 22.91 13.56
CA ASN B 3 3.02 23.18 13.18
C ASN B 3 3.47 22.20 12.09
N SER B 4 3.54 22.68 10.85
CA SER B 4 3.96 21.85 9.74
C SER B 4 4.60 22.69 8.65
N SER B 5 5.15 22.02 7.63
CA SER B 5 5.80 22.72 6.53
C SER B 5 5.76 21.87 5.27
N SER B 6 4.56 21.46 4.85
CA SER B 6 4.41 20.65 3.66
C SER B 6 3.04 20.86 3.04
N ASN B 7 2.56 22.10 3.09
CA ASN B 7 1.25 22.42 2.52
C ASN B 7 1.38 22.76 1.04
N HIS B 8 2.33 22.12 0.37
CA HIS B 8 2.54 22.37 -1.06
C HIS B 8 3.32 21.21 -1.68
N LEU B 9 2.63 20.10 -1.92
CA LEU B 9 3.26 18.93 -2.51
C LEU B 9 3.28 19.05 -4.03
N GLU B 10 4.47 19.12 -4.61
CA GLU B 10 4.61 19.24 -6.05
C GLU B 10 4.58 17.86 -6.70
N ASP B 11 4.21 17.82 -7.99
CA ASP B 11 4.15 16.56 -8.71
C ASP B 11 5.50 16.25 -9.35
N PRO B 12 5.80 15.00 -9.62
CA PRO B 12 7.10 14.60 -10.24
C PRO B 12 7.25 15.15 -11.65
N HIS B 13 8.37 14.83 -12.29
CA HIS B 13 8.63 15.29 -13.65
C HIS B 13 7.78 14.52 -14.64
N TYR B 14 7.85 13.20 -14.58
CA TYR B 14 7.08 12.35 -15.48
C TYR B 14 5.71 12.05 -14.89
N SER B 15 4.67 12.11 -15.73
CA SER B 15 3.32 11.84 -15.27
C SER B 15 2.41 11.49 -16.44
N GLU B 16 1.23 12.11 -16.47
CA GLU B 16 0.26 11.87 -17.54
C GLU B 16 -0.42 10.53 -17.32
N LEU B 17 0.38 9.49 -17.13
CA LEU B 17 -0.14 8.15 -16.91
C LEU B 17 -0.26 7.85 -15.42
N THR B 18 -0.80 6.67 -15.10
CA THR B 18 -0.97 6.27 -13.71
C THR B 18 0.23 5.45 -13.25
N ASN B 19 0.15 4.92 -12.04
CA ASN B 19 1.24 4.12 -11.49
C ASN B 19 0.74 3.36 -10.27
N LEU B 20 -0.59 3.26 -10.17
CA LEU B 20 -1.23 2.57 -9.06
C LEU B 20 -0.55 2.93 -7.74
N LYS B 21 -1.08 3.96 -7.09
CA LYS B 21 -0.56 4.43 -5.80
C LYS B 21 -1.68 4.57 -4.78
N VAL B 22 -1.47 3.97 -3.61
CA VAL B 22 -2.47 4.00 -2.55
C VAL B 22 -2.14 5.07 -1.51
N CYS B 23 -3.17 5.47 -0.76
CA CYS B 23 -3.02 6.49 0.28
C CYS B 23 -3.84 6.08 1.50
N ILE B 24 -3.16 5.57 2.53
CA ILE B 24 -3.83 5.13 3.75
C ILE B 24 -3.77 6.22 4.82
N GLU B 25 -4.93 6.65 5.30
CA GLU B 25 -4.98 7.68 6.32
C GLU B 25 -4.72 7.08 7.70
N LEU B 26 -3.66 7.53 8.37
CA LEU B 26 -3.33 7.03 9.69
C LEU B 26 -4.18 7.72 10.75
N THR B 27 -4.96 8.72 10.32
CA THR B 27 -5.82 9.45 11.24
C THR B 27 -6.87 8.52 11.84
N GLY B 28 -7.09 7.39 11.19
CA GLY B 28 -8.08 6.42 11.66
C GLY B 28 -7.49 5.51 12.72
N LEU B 29 -6.42 4.80 12.37
CA LEU B 29 -5.77 3.89 13.30
C LEU B 29 -4.77 4.64 14.18
N HIS B 30 -3.49 4.46 13.88
CA HIS B 30 -2.43 5.11 14.64
C HIS B 30 -2.61 4.87 16.14
N PRO B 31 -2.40 3.65 16.58
CA PRO B 31 -2.54 3.28 18.02
C PRO B 31 -1.29 3.60 18.83
N LYS B 32 -1.34 3.33 20.12
CA LYS B 32 -0.21 3.59 21.00
C LYS B 32 0.32 5.01 20.78
N LYS B 33 -0.37 5.99 21.37
CA LYS B 33 0.04 7.38 21.23
C LYS B 33 1.52 7.54 21.56
N MET A 1 2.42 -1.71 -18.57
CA MET A 1 1.73 -2.17 -19.82
C MET A 1 1.13 -3.54 -19.58
N ASP A 2 1.44 -4.13 -18.43
CA ASP A 2 0.91 -5.46 -18.10
C ASP A 2 -0.51 -5.34 -17.56
N LYS A 3 -1.37 -4.68 -18.33
CA LYS A 3 -2.77 -4.50 -17.95
C LYS A 3 -3.37 -5.76 -17.35
N ALA A 4 -2.81 -6.91 -17.74
CA ALA A 4 -3.30 -8.19 -17.25
C ALA A 4 -3.28 -8.24 -15.73
N TYR A 5 -2.10 -7.99 -15.17
CA TYR A 5 -1.93 -8.03 -13.72
C TYR A 5 -1.88 -6.62 -13.13
N LEU A 6 -1.47 -5.65 -13.94
CA LEU A 6 -1.39 -4.27 -13.48
C LEU A 6 -2.78 -3.69 -13.25
N ASP A 7 -3.71 -4.03 -14.13
CA ASP A 7 -5.09 -3.54 -14.02
C ASP A 7 -5.85 -4.33 -12.96
N GLU A 8 -5.34 -5.50 -12.61
CA GLU A 8 -5.99 -6.35 -11.61
C GLU A 8 -6.06 -5.66 -10.25
N LEU A 9 -5.06 -4.81 -9.97
CA LEU A 9 -5.02 -4.11 -8.69
C LEU A 9 -5.82 -2.83 -8.74
N VAL A 10 -6.13 -2.37 -9.95
CA VAL A 10 -6.89 -1.16 -10.14
C VAL A 10 -8.09 -1.08 -9.20
N GLU A 11 -8.59 -2.25 -8.79
CA GLU A 11 -9.75 -2.30 -7.91
C GLU A 11 -9.33 -2.03 -6.47
N LEU A 12 -8.29 -2.71 -6.03
CA LEU A 12 -7.79 -2.55 -4.67
C LEU A 12 -7.22 -1.14 -4.48
N HIS A 13 -7.25 -0.37 -5.56
CA HIS A 13 -6.75 0.99 -5.55
C HIS A 13 -7.80 1.94 -4.96
N ARG A 14 -8.95 2.01 -5.62
CA ARG A 14 -10.03 2.87 -5.15
C ARG A 14 -10.79 2.22 -4.01
N ARG A 15 -11.30 1.01 -4.25
CA ARG A 15 -12.06 0.28 -3.24
C ARG A 15 -11.38 0.33 -1.87
N LEU A 16 -10.06 0.49 -1.86
CA LEU A 16 -9.32 0.53 -0.61
C LEU A 16 -9.86 1.64 0.29
N MET A 17 -10.61 2.56 -0.29
CA MET A 17 -11.18 3.67 0.46
C MET A 17 -12.44 3.24 1.22
N THR A 18 -12.99 2.09 0.85
CA THR A 18 -14.19 1.59 1.50
C THR A 18 -13.84 1.01 2.85
N LEU A 19 -12.63 0.49 2.95
CA LEU A 19 -12.15 -0.08 4.20
C LEU A 19 -11.95 1.02 5.23
N ARG A 20 -11.94 0.64 6.52
CA ARG A 20 -11.76 1.63 7.58
C ARG A 20 -11.30 0.97 8.87
N GLU A 21 -11.74 -0.26 9.11
CA GLU A 21 -11.35 -0.96 10.33
C GLU A 21 -9.85 -0.88 10.55
N ARG A 22 -9.44 0.03 11.43
CA ARG A 22 -8.03 0.22 11.73
C ARG A 22 -7.32 -1.11 11.96
N HIS A 23 -8.09 -2.14 12.30
CA HIS A 23 -7.52 -3.46 12.54
C HIS A 23 -6.92 -4.05 11.27
N ILE A 24 -7.65 -3.94 10.17
CA ILE A 24 -7.18 -4.47 8.90
C ILE A 24 -6.08 -3.56 8.31
N LEU A 25 -6.26 -2.25 8.43
CA LEU A 25 -5.27 -1.31 7.90
C LEU A 25 -3.91 -1.51 8.57
N GLN A 26 -3.86 -1.33 9.88
CA GLN A 26 -2.61 -1.49 10.62
C GLN A 26 -1.99 -2.85 10.37
N GLN A 27 -2.81 -3.80 9.94
CA GLN A 27 -2.33 -5.15 9.67
C GLN A 27 -1.68 -5.25 8.29
N ILE A 28 -2.20 -4.49 7.32
CA ILE A 28 -1.65 -4.51 5.98
C ILE A 28 -0.37 -3.67 5.93
N VAL A 29 -0.45 -2.46 6.48
CA VAL A 29 0.70 -1.55 6.50
C VAL A 29 1.93 -2.24 7.05
N ASN A 30 1.71 -3.25 7.88
CA ASN A 30 2.82 -3.98 8.50
C ASN A 30 3.67 -4.67 7.44
N LEU A 31 3.01 -5.32 6.48
CA LEU A 31 3.72 -6.02 5.41
C LEU A 31 4.66 -5.07 4.67
N ILE A 32 4.10 -3.99 4.13
CA ILE A 32 4.91 -3.02 3.40
C ILE A 32 6.05 -2.51 4.28
N GLU A 33 5.95 -2.76 5.58
CA GLU A 33 6.98 -2.33 6.52
C GLU A 33 8.13 -3.33 6.57
N GLU A 34 7.86 -4.57 6.15
CA GLU A 34 8.87 -5.62 6.16
C GLU A 34 9.62 -5.67 4.83
N THR A 35 8.90 -5.51 3.73
CA THR A 35 9.53 -5.56 2.41
C THR A 35 10.58 -4.46 2.27
N GLY A 36 10.25 -3.27 2.76
CA GLY A 36 11.18 -2.14 2.69
C GLY A 36 11.10 -1.44 1.34
N HIS A 37 9.96 -0.82 1.07
CA HIS A 37 9.77 -0.10 -0.19
C HIS A 37 8.52 0.78 -0.12
N PHE A 38 8.69 1.99 0.41
CA PHE A 38 7.57 2.92 0.54
C PHE A 38 8.08 4.31 0.93
N HIS A 39 7.14 5.21 1.23
CA HIS A 39 7.49 6.57 1.63
C HIS A 39 6.47 7.11 2.63
N ILE A 40 6.96 7.47 3.81
CA ILE A 40 6.09 7.99 4.86
C ILE A 40 6.03 9.52 4.77
N THR A 41 4.89 10.08 5.19
CA THR A 41 4.69 11.52 5.16
C THR A 41 4.08 12.01 6.47
N ASN A 42 3.40 13.15 6.42
CA ASN A 42 2.78 13.72 7.60
C ASN A 42 2.01 12.66 8.39
N THR A 43 0.80 12.35 7.92
CA THR A 43 -0.05 11.36 8.58
C THR A 43 -0.67 10.43 7.55
N THR A 44 0.11 10.05 6.55
CA THR A 44 -0.37 9.17 5.49
C THR A 44 0.73 8.22 5.05
N PHE A 45 0.36 6.96 4.83
CA PHE A 45 1.30 5.95 4.40
C PHE A 45 1.12 5.72 2.91
N ASP A 46 2.04 6.26 2.11
CA ASP A 46 1.97 6.12 0.66
C ASP A 46 2.88 5.02 0.17
N PHE A 47 2.32 4.11 -0.61
CA PHE A 47 3.09 3.00 -1.15
C PHE A 47 2.57 2.64 -2.54
N ASP A 48 3.46 2.11 -3.38
CA ASP A 48 3.10 1.76 -4.76
C ASP A 48 2.87 0.26 -4.93
N LEU A 49 1.85 -0.07 -5.72
CA LEU A 49 1.52 -1.47 -5.99
C LEU A 49 2.43 -2.05 -7.05
N CYS A 50 2.54 -1.36 -8.18
CA CYS A 50 3.38 -1.82 -9.28
C CYS A 50 4.86 -1.65 -8.97
N SER A 51 5.17 -1.39 -7.69
CA SER A 51 6.55 -1.21 -7.28
C SER A 51 7.16 -2.50 -6.76
N LEU A 52 6.31 -3.33 -6.15
CA LEU A 52 6.78 -4.61 -5.61
C LEU A 52 6.58 -5.74 -6.61
N ASP A 53 6.98 -6.95 -6.22
CA ASP A 53 6.85 -8.12 -7.09
C ASP A 53 5.46 -8.74 -6.95
N LYS A 54 5.26 -9.87 -7.62
CA LYS A 54 3.97 -10.55 -7.56
C LYS A 54 3.84 -11.35 -6.28
N THR A 55 4.89 -12.08 -5.92
CA THR A 55 4.86 -12.89 -4.71
C THR A 55 4.31 -12.10 -3.53
N THR A 56 4.47 -10.78 -3.59
CA THR A 56 3.98 -9.91 -2.53
C THR A 56 2.53 -9.50 -2.79
N VAL A 57 2.16 -9.40 -4.07
CA VAL A 57 0.80 -9.02 -4.42
C VAL A 57 -0.20 -10.04 -3.90
N ARG A 58 0.16 -11.31 -4.01
CA ARG A 58 -0.71 -12.39 -3.55
C ARG A 58 -0.87 -12.35 -2.04
N LYS A 59 0.09 -11.71 -1.37
CA LYS A 59 0.05 -11.59 0.09
C LYS A 59 -0.87 -10.45 0.51
N LEU A 60 -0.57 -9.25 0.04
CA LEU A 60 -1.38 -8.10 0.37
C LEU A 60 -2.83 -8.36 -0.03
N GLN A 61 -3.02 -9.24 -1.01
CA GLN A 61 -4.35 -9.58 -1.47
C GLN A 61 -5.14 -10.26 -0.36
N SER A 62 -4.41 -10.76 0.63
CA SER A 62 -5.02 -11.46 1.77
C SER A 62 -6.22 -10.69 2.33
N TYR A 63 -5.97 -9.49 2.86
CA TYR A 63 -7.03 -8.70 3.45
C TYR A 63 -8.13 -8.35 2.43
N LEU A 64 -7.77 -8.40 1.15
CA LEU A 64 -8.74 -8.09 0.10
C LEU A 64 -9.42 -9.37 -0.37
N GLU A 65 -8.86 -10.51 0.01
CA GLU A 65 -9.43 -11.81 -0.37
C GLU A 65 -10.45 -12.27 0.67
N THR A 66 -10.56 -11.52 1.75
CA THR A 66 -11.51 -11.86 2.81
C THR A 66 -12.95 -11.78 2.30
N SER A 67 -13.30 -10.65 1.71
CA SER A 67 -14.65 -10.46 1.19
C SER A 67 -14.90 -11.39 0.01
N GLY A 68 -16.15 -11.49 -0.41
CA GLY A 68 -16.51 -12.37 -1.52
C GLY A 68 -16.75 -13.79 -1.05
N THR A 69 -15.79 -14.34 -0.31
CA THR A 69 -15.91 -15.70 0.20
C THR A 69 -16.74 -15.72 1.48
N SER A 70 -16.63 -14.64 2.27
CA SER A 70 -17.38 -14.56 3.52
C SER A 70 -18.87 -14.79 3.28
N THR B 1 11.21 2.92 18.59
CA THR B 1 11.05 1.66 17.83
C THR B 1 10.34 1.95 16.52
N THR B 2 9.37 2.86 16.56
CA THR B 2 8.62 3.21 15.37
C THR B 2 9.45 4.10 14.45
N ASN B 3 10.67 4.41 14.88
CA ASN B 3 11.55 5.25 14.10
C ASN B 3 11.89 4.58 12.76
N SER B 4 12.25 3.30 12.83
CA SER B 4 12.59 2.56 11.61
C SER B 4 13.84 3.15 10.96
N SER B 5 14.65 2.28 10.38
CA SER B 5 15.87 2.72 9.71
C SER B 5 15.56 3.83 8.71
N SER B 6 16.41 4.87 8.70
CA SER B 6 16.22 5.99 7.79
C SER B 6 16.25 5.51 6.35
N ASN B 7 15.69 6.33 5.45
CA ASN B 7 15.66 5.98 4.03
C ASN B 7 16.93 6.45 3.34
N HIS B 8 17.06 6.13 2.05
CA HIS B 8 18.24 6.53 1.29
C HIS B 8 18.04 7.92 0.70
N LEU B 9 19.15 8.62 0.49
CA LEU B 9 19.10 9.97 -0.08
C LEU B 9 18.82 9.91 -1.58
N GLU B 10 18.45 11.05 -2.15
CA GLU B 10 18.17 11.11 -3.58
C GLU B 10 17.22 10.00 -3.99
N ASP B 11 15.95 10.14 -3.61
CA ASP B 11 14.95 9.14 -3.94
C ASP B 11 14.61 9.20 -5.44
N PRO B 12 14.14 8.13 -6.02
CA PRO B 12 13.79 8.11 -7.48
C PRO B 12 12.65 9.08 -7.81
N HIS B 13 12.18 9.04 -9.05
CA HIS B 13 11.11 9.92 -9.49
C HIS B 13 10.25 9.23 -10.54
N TYR B 14 9.57 8.16 -10.14
CA TYR B 14 8.72 7.42 -11.06
C TYR B 14 7.58 8.31 -11.57
N SER B 15 6.80 7.77 -12.51
CA SER B 15 5.68 8.52 -13.06
C SER B 15 4.77 9.04 -11.96
N GLU B 16 4.37 10.30 -12.07
CA GLU B 16 3.50 10.91 -11.08
C GLU B 16 2.11 10.24 -11.10
N LEU B 17 1.39 10.44 -12.19
CA LEU B 17 0.06 9.86 -12.33
C LEU B 17 0.13 8.52 -13.03
N THR B 18 -0.97 7.79 -13.01
CA THR B 18 -1.03 6.47 -13.64
C THR B 18 0.16 5.63 -13.24
N ASN B 19 0.10 5.04 -12.05
CA ASN B 19 1.18 4.21 -11.55
C ASN B 19 0.70 3.43 -10.33
N LEU B 20 -0.61 3.35 -10.20
CA LEU B 20 -1.24 2.65 -9.09
C LEU B 20 -0.52 2.94 -7.77
N LYS B 21 -0.98 4.00 -7.09
CA LYS B 21 -0.41 4.42 -5.82
C LYS B 21 -1.53 4.59 -4.79
N VAL B 22 -1.34 4.00 -3.62
CA VAL B 22 -2.33 4.07 -2.55
C VAL B 22 -1.97 5.13 -1.52
N CYS B 23 -2.98 5.56 -0.76
CA CYS B 23 -2.79 6.55 0.29
C CYS B 23 -3.70 6.22 1.47
N ILE B 24 -3.11 5.70 2.55
CA ILE B 24 -3.87 5.32 3.74
C ILE B 24 -3.86 6.46 4.73
N GLU B 25 -5.03 6.84 5.25
CA GLU B 25 -5.12 7.93 6.21
C GLU B 25 -4.78 7.43 7.61
N LEU B 26 -3.53 7.65 8.03
CA LEU B 26 -3.10 7.23 9.35
C LEU B 26 -3.76 8.11 10.40
N THR B 27 -4.52 9.10 9.93
CA THR B 27 -5.21 10.02 10.84
C THR B 27 -6.12 9.23 11.77
N GLY B 28 -6.67 8.13 11.27
CA GLY B 28 -7.57 7.30 12.06
C GLY B 28 -6.79 6.54 13.14
N LEU B 29 -5.91 5.65 12.70
CA LEU B 29 -5.11 4.86 13.63
C LEU B 29 -3.86 5.63 14.04
N HIS B 30 -3.89 6.22 15.22
CA HIS B 30 -2.77 6.99 15.73
C HIS B 30 -2.60 6.78 17.23
N PRO B 31 -2.55 5.54 17.67
CA PRO B 31 -2.39 5.21 19.12
C PRO B 31 -1.06 5.72 19.67
N LYS B 32 -1.05 6.05 20.96
CA LYS B 32 0.17 6.54 21.59
C LYS B 32 -0.02 6.60 23.12
N LYS B 33 1.07 6.38 23.84
CA LYS B 33 1.02 6.42 25.31
C LYS B 33 2.40 6.67 25.89
N MET A 1 4.76 -7.67 -15.96
CA MET A 1 4.28 -6.27 -16.09
C MET A 1 3.33 -6.17 -17.28
N ASP A 2 2.05 -5.98 -17.01
CA ASP A 2 1.05 -5.86 -18.07
C ASP A 2 -0.32 -5.53 -17.49
N LYS A 3 -1.07 -4.71 -18.22
CA LYS A 3 -2.40 -4.30 -17.79
C LYS A 3 -3.18 -5.47 -17.20
N ALA A 4 -2.85 -6.67 -17.65
CA ALA A 4 -3.50 -7.87 -17.15
C ALA A 4 -3.47 -7.92 -15.63
N TYR A 5 -2.27 -7.80 -15.10
CA TYR A 5 -2.06 -7.83 -13.66
C TYR A 5 -1.95 -6.42 -13.08
N LEU A 6 -1.56 -5.45 -13.91
CA LEU A 6 -1.45 -4.08 -13.45
C LEU A 6 -2.83 -3.52 -13.10
N ASP A 7 -3.82 -3.85 -13.93
CA ASP A 7 -5.18 -3.38 -13.70
C ASP A 7 -5.90 -4.24 -12.66
N GLU A 8 -5.37 -5.44 -12.42
CA GLU A 8 -5.98 -6.34 -11.46
C GLU A 8 -6.07 -5.70 -10.08
N LEU A 9 -5.17 -4.77 -9.79
CA LEU A 9 -5.16 -4.10 -8.49
C LEU A 9 -6.07 -2.88 -8.50
N VAL A 10 -6.39 -2.39 -9.70
CA VAL A 10 -7.24 -1.22 -9.87
C VAL A 10 -8.47 -1.30 -8.97
N GLU A 11 -8.90 -2.51 -8.66
CA GLU A 11 -10.10 -2.69 -7.83
C GLU A 11 -9.84 -2.32 -6.38
N LEU A 12 -8.97 -3.07 -5.73
CA LEU A 12 -8.64 -2.82 -4.33
C LEU A 12 -8.10 -1.41 -4.16
N HIS A 13 -7.13 -1.07 -5.01
CA HIS A 13 -6.50 0.25 -5.00
C HIS A 13 -7.53 1.36 -4.81
N ARG A 14 -8.64 1.25 -5.54
CA ARG A 14 -9.70 2.25 -5.45
C ARG A 14 -10.54 2.02 -4.19
N ARG A 15 -11.13 0.83 -4.09
CA ARG A 15 -11.97 0.48 -2.95
C ARG A 15 -11.25 0.72 -1.63
N LEU A 16 -9.92 0.74 -1.68
CA LEU A 16 -9.13 0.96 -0.48
C LEU A 16 -9.58 2.23 0.23
N MET A 17 -10.29 3.09 -0.50
CA MET A 17 -10.77 4.34 0.08
C MET A 17 -12.04 4.10 0.90
N THR A 18 -12.75 3.03 0.58
CA THR A 18 -13.98 2.68 1.28
C THR A 18 -13.64 1.89 2.55
N LEU A 19 -12.51 1.21 2.53
CA LEU A 19 -12.10 0.42 3.69
C LEU A 19 -11.63 1.35 4.81
N ARG A 20 -12.15 1.13 6.02
CA ARG A 20 -11.80 1.95 7.18
C ARG A 20 -11.56 1.09 8.41
N GLU A 21 -11.57 -0.24 8.23
CA GLU A 21 -11.35 -1.14 9.36
C GLU A 21 -9.97 -0.90 9.96
N ARG A 22 -9.93 -0.15 11.06
CA ARG A 22 -8.67 0.15 11.71
C ARG A 22 -7.91 -1.11 12.12
N HIS A 23 -8.59 -2.25 12.08
CA HIS A 23 -7.96 -3.51 12.46
C HIS A 23 -7.18 -4.11 11.29
N ILE A 24 -7.85 -4.31 10.18
CA ILE A 24 -7.24 -4.90 9.00
C ILE A 24 -6.12 -3.99 8.46
N LEU A 25 -6.46 -2.74 8.13
CA LEU A 25 -5.47 -1.81 7.59
C LEU A 25 -4.19 -1.80 8.44
N GLN A 26 -4.32 -1.47 9.72
CA GLN A 26 -3.15 -1.42 10.60
C GLN A 26 -2.35 -2.71 10.49
N GLN A 27 -3.01 -3.78 10.03
CA GLN A 27 -2.34 -5.06 9.89
C GLN A 27 -1.54 -5.13 8.58
N ILE A 28 -2.19 -4.81 7.47
CA ILE A 28 -1.53 -4.86 6.18
C ILE A 28 -0.34 -3.90 6.15
N VAL A 29 -0.55 -2.67 6.63
CA VAL A 29 0.51 -1.67 6.67
C VAL A 29 1.77 -2.26 7.27
N ASN A 30 1.62 -2.95 8.40
CA ASN A 30 2.76 -3.56 9.07
C ASN A 30 3.50 -4.52 8.15
N LEU A 31 2.82 -4.97 7.09
CA LEU A 31 3.43 -5.89 6.14
C LEU A 31 4.42 -5.16 5.24
N ILE A 32 3.93 -4.16 4.50
CA ILE A 32 4.79 -3.41 3.60
C ILE A 32 6.04 -2.92 4.34
N GLU A 33 5.98 -2.91 5.66
CA GLU A 33 7.12 -2.46 6.47
C GLU A 33 8.32 -3.38 6.28
N GLU A 34 8.05 -4.63 5.95
CA GLU A 34 9.11 -5.62 5.75
C GLU A 34 9.58 -5.66 4.30
N THR A 35 8.67 -5.35 3.38
CA THR A 35 9.01 -5.36 1.96
C THR A 35 10.21 -4.46 1.68
N GLY A 36 10.16 -3.24 2.19
CA GLY A 36 11.24 -2.28 2.00
C GLY A 36 11.00 -1.44 0.75
N HIS A 37 9.74 -1.12 0.49
CA HIS A 37 9.39 -0.31 -0.68
C HIS A 37 8.14 0.52 -0.39
N PHE A 38 8.36 1.77 0.00
CA PHE A 38 7.24 2.66 0.31
C PHE A 38 7.75 4.08 0.54
N HIS A 39 6.84 4.96 0.95
CA HIS A 39 7.18 6.35 1.22
C HIS A 39 6.28 6.92 2.30
N ILE A 40 6.88 7.30 3.42
CA ILE A 40 6.13 7.84 4.54
C ILE A 40 6.05 9.36 4.42
N THR A 41 4.92 9.92 4.89
CA THR A 41 4.69 11.36 4.84
C THR A 41 4.11 11.85 6.17
N ASN A 42 3.41 12.97 6.12
CA ASN A 42 2.80 13.53 7.33
C ASN A 42 2.09 12.46 8.13
N THR A 43 0.87 12.10 7.70
CA THR A 43 0.08 11.08 8.39
C THR A 43 -0.59 10.16 7.38
N THR A 44 0.15 9.80 6.33
CA THR A 44 -0.37 8.92 5.29
C THR A 44 0.73 7.99 4.78
N PHE A 45 0.40 6.70 4.67
CA PHE A 45 1.34 5.73 4.19
C PHE A 45 1.23 5.63 2.68
N ASP A 46 2.17 6.25 1.97
CA ASP A 46 2.17 6.26 0.52
C ASP A 46 3.13 5.22 -0.04
N PHE A 47 2.60 4.32 -0.85
CA PHE A 47 3.43 3.28 -1.45
C PHE A 47 2.84 2.89 -2.81
N ASP A 48 3.72 2.44 -3.71
CA ASP A 48 3.32 2.06 -5.06
C ASP A 48 3.15 0.56 -5.22
N LEU A 49 2.09 0.17 -5.92
CA LEU A 49 1.82 -1.23 -6.17
C LEU A 49 2.68 -1.77 -7.31
N CYS A 50 2.66 -1.08 -8.44
CA CYS A 50 3.43 -1.51 -9.60
C CYS A 50 4.93 -1.49 -9.31
N SER A 51 5.29 -1.06 -8.10
CA SER A 51 6.70 -0.98 -7.71
C SER A 51 7.12 -2.25 -6.98
N LEU A 52 6.20 -2.85 -6.23
CA LEU A 52 6.50 -4.07 -5.48
C LEU A 52 6.51 -5.29 -6.40
N ASP A 53 6.93 -6.42 -5.84
CA ASP A 53 6.99 -7.67 -6.62
C ASP A 53 5.69 -8.44 -6.50
N LYS A 54 5.35 -9.18 -7.55
CA LYS A 54 4.12 -9.97 -7.56
C LYS A 54 4.02 -10.83 -6.31
N THR A 55 5.13 -11.50 -5.97
CA THR A 55 5.15 -12.36 -4.79
C THR A 55 4.50 -11.66 -3.60
N THR A 56 4.57 -10.33 -3.59
CA THR A 56 4.00 -9.55 -2.50
C THR A 56 2.51 -9.26 -2.76
N VAL A 57 2.16 -9.12 -4.04
CA VAL A 57 0.78 -8.83 -4.40
C VAL A 57 -0.15 -9.97 -3.96
N ARG A 58 0.32 -11.20 -4.12
CA ARG A 58 -0.46 -12.37 -3.73
C ARG A 58 -0.55 -12.47 -2.21
N LYS A 59 0.40 -11.83 -1.53
CA LYS A 59 0.43 -11.87 -0.07
C LYS A 59 -0.49 -10.81 0.51
N LEU A 60 -0.30 -9.56 0.08
CA LEU A 60 -1.13 -8.47 0.56
C LEU A 60 -2.60 -8.78 0.26
N GLN A 61 -2.82 -9.60 -0.76
CA GLN A 61 -4.17 -9.99 -1.13
C GLN A 61 -4.79 -10.82 -0.02
N SER A 62 -3.92 -11.37 0.84
CA SER A 62 -4.37 -12.20 1.96
C SER A 62 -5.57 -11.58 2.67
N TYR A 63 -5.43 -10.34 3.12
CA TYR A 63 -6.51 -9.67 3.82
C TYR A 63 -7.75 -9.49 2.96
N LEU A 64 -7.55 -9.30 1.66
CA LEU A 64 -8.66 -9.10 0.73
C LEU A 64 -9.00 -10.36 -0.06
N GLU A 65 -8.49 -11.50 0.40
CA GLU A 65 -8.74 -12.77 -0.26
C GLU A 65 -9.95 -13.45 0.37
N THR A 66 -10.20 -13.11 1.63
CA THR A 66 -11.31 -13.69 2.37
C THR A 66 -12.57 -12.84 2.19
N SER A 67 -13.33 -13.14 1.15
CA SER A 67 -14.56 -12.40 0.87
C SER A 67 -15.57 -13.28 0.16
N GLY A 68 -16.16 -12.76 -0.92
CA GLY A 68 -17.13 -13.51 -1.68
C GLY A 68 -18.38 -13.81 -0.84
N THR A 69 -18.94 -12.77 -0.24
CA THR A 69 -20.13 -12.93 0.58
C THR A 69 -19.83 -13.81 1.79
N SER A 70 -18.63 -13.64 2.35
CA SER A 70 -18.22 -14.43 3.51
C SER A 70 -19.25 -14.30 4.63
N THR B 1 25.87 -4.76 0.84
CA THR B 1 24.77 -5.41 0.09
C THR B 1 23.53 -5.47 0.96
N THR B 2 23.73 -5.68 2.27
CA THR B 2 22.61 -5.75 3.20
C THR B 2 21.87 -4.42 3.25
N ASN B 3 22.50 -3.43 3.89
CA ASN B 3 21.88 -2.11 4.00
C ASN B 3 22.05 -1.32 2.71
N SER B 4 21.29 -0.25 2.56
CA SER B 4 21.36 0.58 1.37
C SER B 4 22.61 1.45 1.40
N SER B 5 23.56 1.14 0.52
CA SER B 5 24.80 1.90 0.45
C SER B 5 24.64 3.11 -0.46
N SER B 6 23.43 3.66 -0.51
CA SER B 6 23.16 4.81 -1.35
C SER B 6 21.81 5.42 -1.01
N ASN B 7 21.74 6.75 -1.03
CA ASN B 7 20.49 7.44 -0.71
C ASN B 7 19.56 7.44 -1.93
N HIS B 8 18.29 7.14 -1.70
CA HIS B 8 17.30 7.11 -2.77
C HIS B 8 16.70 8.49 -2.97
N LEU B 9 16.46 8.85 -4.24
CA LEU B 9 15.88 10.14 -4.55
C LEU B 9 14.35 10.06 -4.52
N GLU B 10 13.72 11.14 -4.07
CA GLU B 10 12.27 11.19 -3.98
C GLU B 10 11.64 10.90 -5.35
N ASP B 11 10.51 10.21 -5.34
CA ASP B 11 9.82 9.88 -6.58
C ASP B 11 8.92 11.03 -7.02
N PRO B 12 8.60 11.15 -8.30
CA PRO B 12 7.73 12.25 -8.82
C PRO B 12 6.58 12.58 -7.88
N HIS B 13 6.05 13.79 -8.00
CA HIS B 13 4.94 14.22 -7.15
C HIS B 13 4.11 15.29 -7.85
N TYR B 14 2.80 15.28 -7.59
CA TYR B 14 1.91 16.25 -8.22
C TYR B 14 1.95 16.14 -9.73
N SER B 15 2.40 14.99 -10.22
CA SER B 15 2.48 14.75 -11.66
C SER B 15 2.35 13.26 -11.97
N GLU B 16 2.00 12.95 -13.21
CA GLU B 16 1.83 11.57 -13.63
C GLU B 16 0.98 10.79 -12.62
N LEU B 17 -0.31 11.09 -12.60
CA LEU B 17 -1.23 10.42 -11.68
C LEU B 17 -1.68 9.09 -12.27
N THR B 18 -0.72 8.33 -12.79
CA THR B 18 -1.02 7.02 -13.38
C THR B 18 0.11 6.04 -13.11
N ASN B 19 0.01 5.30 -12.01
CA ASN B 19 1.03 4.34 -11.65
C ASN B 19 0.55 3.51 -10.47
N LEU B 20 -0.77 3.49 -10.30
CA LEU B 20 -1.39 2.75 -9.21
C LEU B 20 -0.64 2.97 -7.90
N LYS B 21 -1.10 3.96 -7.14
CA LYS B 21 -0.52 4.33 -5.86
C LYS B 21 -1.60 4.39 -4.79
N VAL B 22 -1.23 4.01 -3.57
CA VAL B 22 -2.17 4.00 -2.45
C VAL B 22 -1.81 5.06 -1.42
N CYS B 23 -2.80 5.45 -0.62
CA CYS B 23 -2.61 6.43 0.43
C CYS B 23 -3.55 6.14 1.58
N ILE B 24 -3.02 5.56 2.66
CA ILE B 24 -3.82 5.22 3.83
C ILE B 24 -3.71 6.31 4.89
N GLU B 25 -4.79 7.05 5.10
CA GLU B 25 -4.79 8.12 6.09
C GLU B 25 -4.66 7.55 7.50
N LEU B 26 -3.52 7.81 8.13
CA LEU B 26 -3.29 7.32 9.49
C LEU B 26 -4.10 8.14 10.48
N THR B 27 -4.43 9.36 10.11
CA THR B 27 -5.21 10.24 10.97
C THR B 27 -6.47 9.52 11.43
N GLY B 28 -6.89 8.52 10.67
CA GLY B 28 -8.09 7.76 11.01
C GLY B 28 -7.77 6.71 12.06
N LEU B 29 -6.60 6.09 11.95
CA LEU B 29 -6.19 5.06 12.91
C LEU B 29 -5.91 5.69 14.27
N HIS B 30 -4.71 5.45 14.80
CA HIS B 30 -4.32 5.98 16.10
C HIS B 30 -5.14 5.32 17.23
N PRO B 31 -5.30 4.01 17.19
CA PRO B 31 -6.07 3.28 18.24
C PRO B 31 -5.54 3.56 19.64
N LYS B 32 -6.45 3.80 20.58
CA LYS B 32 -6.06 4.08 21.95
C LYS B 32 -5.93 2.78 22.74
N LYS B 33 -5.70 2.91 24.05
CA LYS B 33 -5.56 1.74 24.91
C LYS B 33 -6.70 0.75 24.67
N MET A 1 3.73 -1.78 -19.37
CA MET A 1 2.27 -1.94 -19.66
C MET A 1 1.87 -3.39 -19.41
N ASP A 2 1.04 -3.60 -18.39
CA ASP A 2 0.58 -4.94 -18.05
C ASP A 2 -0.80 -4.90 -17.41
N LYS A 3 -1.70 -4.14 -18.02
CA LYS A 3 -3.07 -4.00 -17.53
C LYS A 3 -3.63 -5.34 -17.09
N ALA A 4 -3.13 -6.41 -17.70
CA ALA A 4 -3.56 -7.75 -17.38
C ALA A 4 -3.54 -7.97 -15.88
N TYR A 5 -2.40 -7.66 -15.29
CA TYR A 5 -2.19 -7.83 -13.85
C TYR A 5 -2.24 -6.49 -13.12
N LEU A 6 -1.78 -5.43 -13.78
CA LEU A 6 -1.79 -4.11 -13.15
C LEU A 6 -3.23 -3.70 -12.81
N ASP A 7 -4.15 -3.94 -13.73
CA ASP A 7 -5.55 -3.60 -13.52
C ASP A 7 -6.14 -4.44 -12.39
N GLU A 8 -5.47 -5.54 -12.06
CA GLU A 8 -5.95 -6.42 -11.00
C GLU A 8 -5.89 -5.73 -9.64
N LEU A 9 -4.90 -4.87 -9.44
CA LEU A 9 -4.75 -4.16 -8.18
C LEU A 9 -5.68 -2.95 -8.12
N VAL A 10 -6.16 -2.53 -9.28
CA VAL A 10 -7.04 -1.37 -9.38
C VAL A 10 -8.11 -1.40 -8.31
N GLU A 11 -8.47 -2.60 -7.84
CA GLU A 11 -9.51 -2.72 -6.82
C GLU A 11 -9.01 -2.24 -5.47
N LEU A 12 -7.96 -2.87 -4.98
CA LEU A 12 -7.38 -2.51 -3.68
C LEU A 12 -6.93 -1.06 -3.68
N HIS A 13 -7.00 -0.42 -4.84
CA HIS A 13 -6.58 0.97 -5.00
C HIS A 13 -7.69 1.92 -4.56
N ARG A 14 -8.82 1.87 -5.26
CA ARG A 14 -9.95 2.74 -4.94
C ARG A 14 -10.72 2.21 -3.74
N ARG A 15 -11.13 0.95 -3.81
CA ARG A 15 -11.90 0.34 -2.73
C ARG A 15 -11.26 0.64 -1.36
N LEU A 16 -9.94 0.79 -1.34
CA LEU A 16 -9.24 1.08 -0.10
C LEU A 16 -9.85 2.28 0.61
N MET A 17 -10.61 3.08 -0.15
CA MET A 17 -11.24 4.27 0.42
C MET A 17 -12.54 3.92 1.14
N THR A 18 -13.15 2.79 0.75
CA THR A 18 -14.40 2.36 1.36
C THR A 18 -14.09 1.60 2.65
N LEU A 19 -12.88 1.05 2.72
CA LEU A 19 -12.47 0.31 3.90
C LEU A 19 -11.93 1.27 4.95
N ARG A 20 -12.34 1.05 6.21
CA ARG A 20 -11.90 1.92 7.31
C ARG A 20 -11.55 1.08 8.55
N GLU A 21 -11.74 -0.23 8.46
CA GLU A 21 -11.43 -1.09 9.59
C GLU A 21 -10.00 -0.85 10.05
N ARG A 22 -9.83 -0.07 11.11
CA ARG A 22 -8.52 0.24 11.63
C ARG A 22 -7.75 -1.04 11.95
N HIS A 23 -8.44 -2.17 11.95
CA HIS A 23 -7.81 -3.44 12.26
C HIS A 23 -7.12 -4.05 11.03
N ILE A 24 -7.90 -4.29 9.99
CA ILE A 24 -7.39 -4.89 8.77
C ILE A 24 -6.35 -3.97 8.10
N LEU A 25 -6.71 -2.71 7.88
CA LEU A 25 -5.78 -1.76 7.24
C LEU A 25 -4.44 -1.71 7.96
N GLN A 26 -4.46 -1.40 9.24
CA GLN A 26 -3.22 -1.31 10.02
C GLN A 26 -2.41 -2.60 9.90
N GLN A 27 -3.12 -3.73 9.84
CA GLN A 27 -2.45 -5.02 9.75
C GLN A 27 -1.78 -5.20 8.38
N ILE A 28 -2.38 -4.63 7.33
CA ILE A 28 -1.80 -4.73 5.99
C ILE A 28 -0.61 -3.78 5.88
N VAL A 29 -0.81 -2.55 6.33
CA VAL A 29 0.25 -1.52 6.27
C VAL A 29 1.57 -2.10 6.76
N ASN A 30 1.49 -3.13 7.60
CA ASN A 30 2.69 -3.75 8.16
C ASN A 30 3.56 -4.35 7.06
N LEU A 31 3.01 -5.30 6.31
CA LEU A 31 3.75 -5.95 5.24
C LEU A 31 4.47 -4.92 4.37
N ILE A 32 3.70 -4.00 3.79
CA ILE A 32 4.26 -2.96 2.94
C ILE A 32 5.40 -2.24 3.67
N GLU A 33 5.47 -2.41 4.99
CA GLU A 33 6.52 -1.76 5.78
C GLU A 33 7.81 -2.58 5.77
N GLU A 34 7.70 -3.87 6.08
CA GLU A 34 8.87 -4.74 6.12
C GLU A 34 9.34 -5.14 4.73
N THR A 35 8.49 -4.96 3.73
CA THR A 35 8.85 -5.32 2.36
C THR A 35 10.17 -4.66 1.94
N GLY A 36 10.36 -3.41 2.36
CA GLY A 36 11.57 -2.67 2.02
C GLY A 36 11.36 -1.82 0.77
N HIS A 37 10.18 -1.22 0.68
CA HIS A 37 9.85 -0.38 -0.48
C HIS A 37 8.53 0.35 -0.24
N PHE A 38 8.62 1.55 0.31
CA PHE A 38 7.42 2.35 0.58
C PHE A 38 7.80 3.79 0.92
N HIS A 39 6.81 4.58 1.35
CA HIS A 39 7.04 5.98 1.70
C HIS A 39 6.36 6.33 3.02
N ILE A 40 6.82 7.42 3.63
CA ILE A 40 6.30 7.87 4.90
C ILE A 40 6.12 9.39 4.86
N THR A 41 5.10 9.88 5.55
CA THR A 41 4.82 11.32 5.59
C THR A 41 4.35 11.75 6.98
N ASN A 42 3.61 12.85 7.03
CA ASN A 42 3.11 13.36 8.29
C ASN A 42 2.07 12.41 8.90
N THR A 43 0.93 12.29 8.22
CA THR A 43 -0.15 11.41 8.70
C THR A 43 -0.73 10.60 7.55
N THR A 44 0.16 10.12 6.67
CA THR A 44 -0.27 9.33 5.52
C THR A 44 0.81 8.32 5.15
N PHE A 45 0.39 7.14 4.72
CA PHE A 45 1.28 6.09 4.33
C PHE A 45 0.99 5.75 2.88
N ASP A 46 1.85 6.23 1.98
CA ASP A 46 1.66 6.02 0.55
C ASP A 46 2.76 5.17 -0.04
N PHE A 47 2.41 4.43 -1.07
CA PHE A 47 3.36 3.57 -1.74
C PHE A 47 2.85 3.17 -3.12
N ASP A 48 3.73 2.63 -3.96
CA ASP A 48 3.37 2.23 -5.32
C ASP A 48 3.23 0.72 -5.46
N LEU A 49 2.08 0.29 -5.97
CA LEU A 49 1.82 -1.13 -6.16
C LEU A 49 2.65 -1.67 -7.32
N CYS A 50 2.98 -0.81 -8.28
CA CYS A 50 3.75 -1.24 -9.43
C CYS A 50 5.26 -1.20 -9.15
N SER A 51 5.61 -0.94 -7.89
CA SER A 51 7.02 -0.88 -7.51
C SER A 51 7.50 -2.24 -6.98
N LEU A 52 6.60 -2.97 -6.34
CA LEU A 52 6.95 -4.28 -5.79
C LEU A 52 6.74 -5.39 -6.82
N ASP A 53 7.02 -6.62 -6.40
CA ASP A 53 6.86 -7.78 -7.26
C ASP A 53 5.50 -8.43 -7.04
N LYS A 54 5.28 -9.57 -7.69
CA LYS A 54 4.02 -10.29 -7.55
C LYS A 54 3.99 -11.11 -6.26
N THR A 55 5.15 -11.61 -5.84
CA THR A 55 5.24 -12.40 -4.63
C THR A 55 4.51 -11.73 -3.48
N THR A 56 4.49 -10.39 -3.49
CA THR A 56 3.83 -9.63 -2.44
C THR A 56 2.35 -9.43 -2.76
N VAL A 57 2.03 -9.36 -4.04
CA VAL A 57 0.64 -9.17 -4.48
C VAL A 57 -0.24 -10.31 -4.00
N ARG A 58 0.26 -11.54 -4.13
CA ARG A 58 -0.49 -12.71 -3.71
C ARG A 58 -0.59 -12.77 -2.19
N LYS A 59 0.31 -12.07 -1.52
CA LYS A 59 0.33 -12.06 -0.06
C LYS A 59 -0.64 -11.01 0.46
N LEU A 60 -0.54 -9.80 -0.08
CA LEU A 60 -1.43 -8.73 0.34
C LEU A 60 -2.87 -9.16 0.13
N GLN A 61 -3.07 -10.07 -0.80
CA GLN A 61 -4.40 -10.58 -1.09
C GLN A 61 -4.96 -11.29 0.14
N SER A 62 -4.05 -11.68 1.03
CA SER A 62 -4.43 -12.38 2.26
C SER A 62 -5.64 -11.74 2.92
N TYR A 63 -5.52 -10.47 3.30
CA TYR A 63 -6.62 -9.78 3.97
C TYR A 63 -7.87 -9.75 3.09
N LEU A 64 -7.69 -9.90 1.79
CA LEU A 64 -8.82 -9.89 0.86
C LEU A 64 -9.32 -11.32 0.63
N GLU A 65 -8.55 -12.30 1.10
CA GLU A 65 -8.93 -13.69 0.94
C GLU A 65 -9.74 -14.18 2.14
N THR A 66 -9.86 -13.32 3.14
CA THR A 66 -10.62 -13.66 4.34
C THR A 66 -12.09 -13.28 4.19
N SER A 67 -12.84 -14.12 3.50
CA SER A 67 -14.26 -13.86 3.29
C SER A 67 -15.02 -15.17 3.07
N GLY A 68 -14.45 -16.04 2.25
CA GLY A 68 -15.08 -17.33 1.96
C GLY A 68 -15.30 -18.13 3.24
N THR A 69 -14.52 -17.81 4.26
CA THR A 69 -14.62 -18.51 5.54
C THR A 69 -15.82 -17.99 6.34
N SER A 70 -16.07 -16.69 6.24
CA SER A 70 -17.17 -16.08 6.96
C SER A 70 -18.48 -16.28 6.20
N THR B 1 21.34 -9.97 5.83
CA THR B 1 21.36 -8.50 6.10
C THR B 1 21.95 -7.77 4.90
N THR B 2 22.85 -8.45 4.19
CA THR B 2 23.49 -7.85 3.02
C THR B 2 22.44 -7.36 2.02
N ASN B 3 22.88 -6.63 1.02
CA ASN B 3 21.97 -6.11 0.00
C ASN B 3 20.78 -5.40 0.65
N SER B 4 21.07 -4.43 1.51
CA SER B 4 20.02 -3.68 2.19
C SER B 4 19.29 -2.77 1.21
N SER B 5 20.03 -1.81 0.66
CA SER B 5 19.44 -0.86 -0.29
C SER B 5 20.48 -0.37 -1.27
N SER B 6 21.73 -0.81 -1.08
CA SER B 6 22.82 -0.40 -1.96
C SER B 6 22.82 1.10 -2.15
N ASN B 7 23.54 1.57 -3.16
CA ASN B 7 23.62 3.01 -3.45
C ASN B 7 22.24 3.57 -3.74
N HIS B 8 21.94 4.72 -3.18
CA HIS B 8 20.64 5.36 -3.38
C HIS B 8 20.48 5.78 -4.84
N LEU B 9 20.25 4.81 -5.71
CA LEU B 9 20.08 5.08 -7.14
C LEU B 9 18.68 5.64 -7.40
N GLU B 10 18.62 6.85 -7.95
CA GLU B 10 17.34 7.47 -8.25
C GLU B 10 16.83 7.02 -9.61
N ASP B 11 15.52 6.83 -9.71
CA ASP B 11 14.92 6.40 -10.98
C ASP B 11 14.58 7.62 -11.84
N PRO B 12 14.50 7.46 -13.15
CA PRO B 12 14.19 8.59 -14.07
C PRO B 12 12.79 9.17 -13.83
N HIS B 13 12.09 8.60 -12.86
CA HIS B 13 10.74 9.05 -12.54
C HIS B 13 10.30 8.51 -11.19
N TYR B 14 9.70 9.38 -10.37
CA TYR B 14 9.23 8.97 -9.05
C TYR B 14 7.80 8.45 -9.12
N SER B 15 7.22 8.50 -10.31
CA SER B 15 5.85 8.03 -10.51
C SER B 15 4.88 8.89 -9.72
N GLU B 16 3.85 9.39 -10.40
CA GLU B 16 2.85 10.23 -9.75
C GLU B 16 1.49 10.08 -10.43
N LEU B 17 1.44 10.40 -11.72
CA LEU B 17 0.20 10.31 -12.49
C LEU B 17 0.03 8.90 -13.06
N THR B 18 -1.11 8.29 -12.78
CA THR B 18 -1.41 6.95 -13.27
C THR B 18 -0.23 6.01 -13.03
N ASN B 19 -0.26 5.29 -11.92
CA ASN B 19 0.82 4.36 -11.58
C ASN B 19 0.42 3.54 -10.37
N LEU B 20 -0.89 3.45 -10.16
CA LEU B 20 -1.45 2.72 -9.04
C LEU B 20 -0.67 3.00 -7.76
N LYS B 21 -1.11 4.03 -7.03
CA LYS B 21 -0.48 4.43 -5.79
C LYS B 21 -1.53 4.57 -4.68
N VAL B 22 -1.28 3.90 -3.57
CA VAL B 22 -2.21 3.93 -2.45
C VAL B 22 -1.90 5.09 -1.52
N CYS B 23 -2.89 5.49 -0.72
CA CYS B 23 -2.72 6.57 0.23
C CYS B 23 -3.64 6.34 1.43
N ILE B 24 -3.06 5.90 2.55
CA ILE B 24 -3.84 5.62 3.76
C ILE B 24 -3.58 6.72 4.80
N GLU B 25 -4.60 7.55 5.05
CA GLU B 25 -4.47 8.63 6.01
C GLU B 25 -4.39 8.08 7.43
N LEU B 26 -3.17 8.02 7.97
CA LEU B 26 -2.98 7.52 9.32
C LEU B 26 -3.70 8.40 10.32
N THR B 27 -4.22 9.53 9.84
CA THR B 27 -4.94 10.46 10.71
C THR B 27 -6.02 9.72 11.49
N GLY B 28 -6.53 8.64 10.90
CA GLY B 28 -7.56 7.84 11.55
C GLY B 28 -6.97 6.99 12.67
N LEU B 29 -6.15 6.02 12.29
CA LEU B 29 -5.52 5.14 13.26
C LEU B 29 -4.27 5.79 13.84
N HIS B 30 -4.39 6.33 15.05
CA HIS B 30 -3.27 6.98 15.71
C HIS B 30 -3.25 6.65 17.20
N PRO B 31 -3.20 5.39 17.55
CA PRO B 31 -3.18 4.95 18.98
C PRO B 31 -1.81 5.19 19.64
N LYS B 32 -1.58 6.44 20.06
CA LYS B 32 -0.32 6.78 20.70
C LYS B 32 -0.35 8.23 21.19
N LYS B 33 0.57 8.57 22.09
CA LYS B 33 0.64 9.91 22.63
C LYS B 33 -0.73 10.35 23.15
#